data_6YUZ
#
_entry.id   6YUZ
#
_cell.length_a   1.00
_cell.length_b   1.00
_cell.length_c   1.00
_cell.angle_alpha   90.00
_cell.angle_beta   90.00
_cell.angle_gamma   90.00
#
_symmetry.space_group_name_H-M   'P 1'
#
loop_
_entity.id
_entity.type
_entity.pdbx_description
1 polymer 'Neutral and basic amino acid transport protein rBAT'
2 non-polymer 2-acetamido-2-deoxy-beta-D-glucopyranose
3 non-polymer 'CALCIUM ION'
#
_entity_poly.entity_id   1
_entity_poly.type   'polypeptide(L)'
_entity_poly.pdbx_seq_one_letter_code
;MAEDKSKRDSIEMSMKGCQTNNGFVHNEDILEQTPDPGSSTDNLKHSTRGILGSQEPDFKGVQPYAGMPKEVLFQFSGQA
RYRIPREILFWLTVASVLVLIAATIAIIALSPKCLDWWQEGPMYQIYPRSFKDSNKDGNGDLKGIQDKLDYITALNIKTV
WITSFYKSSLKDFRYGVEDFREVDPIFGTMEDFENLVAAIHDKGLKLIIDFIPNHTSDKHIWFQLSRTRTGKYTDYYIWH
DCTHENGKTIPPNNWLSVYGNSSWHFDEVRNQCYFHQFMKEQPDLNFRNPDVQEEIKEILRFWLTKGVDGFSLDAVKFLL
EAKHLRDEIQVNKTQIPDTVTQYSELYHDFTTTQVGMHDIVRSFRQTMDQYSTEPGRYRFMGTEAYAESIDRTVMYYGLP
FIQEADFPFNNYLSMLDTVSGNSVYEVITSWMENMPEGKWPNWMIGGPDSSRLTSRLGNQYVNVMNMLLFTLPGTPITYY
GEEIGMGNIVAANLNESYDINTLRSKSPMQWDNSSNAGFSEASNTWLPTNSDYHTVNVDVQKTQPRSALKLYQDLSLLHA
NELLLNRGWFCHLRNDSHYVVYTRELDGIDRIFIVVLNFGESTLLNLHNMISGLPAKMRIRLSTNSADKGSKVDTSGIFL
DKGEGLIFEHNTKNLLHRQTAFRDRCFVSNRACYSSVLNILYTSC
;
_entity_poly.pdbx_strand_id   A,C
#
# COMPACT_ATOMS: atom_id res chain seq x y z
N LEU A 92 -44.80 38.42 -7.37
CA LEU A 92 -43.95 37.84 -8.41
C LEU A 92 -42.49 37.95 -8.01
N THR A 93 -42.13 39.07 -7.39
CA THR A 93 -40.75 39.28 -6.97
C THR A 93 -40.37 38.32 -5.85
N VAL A 94 -41.33 37.96 -5.00
CA VAL A 94 -41.04 37.05 -3.89
C VAL A 94 -40.72 35.65 -4.41
N ALA A 95 -41.19 35.32 -5.63
CA ALA A 95 -40.80 34.07 -6.24
C ALA A 95 -39.51 34.22 -7.03
N SER A 96 -39.25 35.43 -7.56
CA SER A 96 -38.05 35.64 -8.37
C SER A 96 -36.79 35.71 -7.50
N VAL A 97 -36.94 36.03 -6.22
CA VAL A 97 -35.76 36.17 -5.38
C VAL A 97 -35.18 34.80 -5.03
N LEU A 98 -36.05 33.82 -4.79
CA LEU A 98 -35.56 32.47 -4.49
C LEU A 98 -35.13 31.75 -5.76
N VAL A 99 -35.73 32.08 -6.90
CA VAL A 99 -35.31 31.46 -8.15
C VAL A 99 -33.89 31.89 -8.50
N LEU A 100 -33.44 33.02 -7.94
CA LEU A 100 -32.05 33.41 -8.11
C LEU A 100 -31.15 32.64 -7.14
N ILE A 101 -31.56 32.53 -5.88
CA ILE A 101 -30.78 31.76 -4.90
C ILE A 101 -30.69 30.30 -5.32
N ALA A 102 -31.76 29.76 -5.89
CA ALA A 102 -31.70 28.39 -6.40
C ALA A 102 -30.77 28.29 -7.59
N ALA A 103 -30.62 29.38 -8.36
CA ALA A 103 -29.71 29.38 -9.49
C ALA A 103 -28.26 29.45 -9.02
N THR A 104 -27.98 30.28 -8.00
CA THR A 104 -26.62 30.38 -7.49
C THR A 104 -26.18 29.10 -6.80
N ILE A 105 -27.05 28.50 -5.98
CA ILE A 105 -26.70 27.26 -5.30
C ILE A 105 -26.55 26.12 -6.30
N ALA A 106 -27.16 26.24 -7.48
CA ALA A 106 -26.97 25.25 -8.52
C ALA A 106 -25.62 25.43 -9.22
N ILE A 107 -25.20 26.68 -9.42
CA ILE A 107 -23.91 26.94 -10.05
C ILE A 107 -22.78 26.50 -9.15
N ILE A 108 -22.88 26.78 -7.84
CA ILE A 108 -21.87 26.35 -6.90
C ILE A 108 -21.80 24.83 -6.80
N ALA A 109 -22.93 24.16 -6.92
CA ALA A 109 -22.97 22.70 -6.82
C ALA A 109 -22.55 22.02 -8.11
N LEU A 110 -22.70 22.69 -9.26
CA LEU A 110 -22.34 22.12 -10.55
C LEU A 110 -20.98 22.59 -11.05
N SER A 111 -20.34 23.53 -10.36
CA SER A 111 -19.04 24.00 -10.78
C SER A 111 -17.96 22.98 -10.42
N PRO A 112 -17.17 22.50 -11.37
CA PRO A 112 -16.12 21.53 -11.04
C PRO A 112 -15.00 22.19 -10.25
N LYS A 113 -14.12 21.35 -9.71
CA LYS A 113 -12.98 21.83 -8.97
C LYS A 113 -11.98 22.48 -9.92
N CYS A 114 -11.50 23.67 -9.56
CA CYS A 114 -10.56 24.39 -10.41
C CYS A 114 -9.24 23.64 -10.47
N LEU A 115 -8.60 23.71 -11.64
CA LEU A 115 -7.33 23.03 -11.84
C LEU A 115 -6.24 23.66 -10.97
N ASP A 116 -5.47 22.80 -10.31
CA ASP A 116 -4.39 23.27 -9.46
C ASP A 116 -3.26 23.87 -10.30
N TRP A 117 -2.29 24.46 -9.61
CA TRP A 117 -1.19 25.11 -10.31
C TRP A 117 -0.30 24.11 -11.04
N TRP A 118 -0.28 22.85 -10.59
CA TRP A 118 0.51 21.83 -11.25
C TRP A 118 -0.22 21.15 -12.40
N GLN A 119 -1.51 21.43 -12.57
CA GLN A 119 -2.27 20.85 -13.68
C GLN A 119 -2.29 21.78 -14.89
N GLU A 120 -2.43 23.08 -14.67
CA GLU A 120 -2.43 24.07 -15.74
C GLU A 120 -1.10 24.81 -15.75
N GLY A 121 -0.58 25.06 -16.95
CA GLY A 121 0.68 25.74 -17.10
C GLY A 121 1.84 24.79 -17.21
N PRO A 122 2.71 25.02 -18.19
CA PRO A 122 3.86 24.12 -18.40
C PRO A 122 4.95 24.35 -17.37
N MET A 123 5.83 23.35 -17.27
CA MET A 123 7.00 23.42 -16.42
C MET A 123 8.26 23.57 -17.27
N TYR A 124 9.25 24.27 -16.72
CA TYR A 124 10.51 24.53 -17.42
C TYR A 124 11.66 24.13 -16.50
N GLN A 125 12.03 22.86 -16.54
CA GLN A 125 13.08 22.33 -15.68
C GLN A 125 14.40 23.05 -15.96
N ILE A 126 15.04 23.54 -14.90
CA ILE A 126 16.24 24.36 -14.99
C ILE A 126 17.36 23.68 -14.25
N TYR A 127 18.52 23.56 -14.89
CA TYR A 127 19.72 23.09 -14.21
C TYR A 127 20.39 24.26 -13.50
N PRO A 128 20.57 24.21 -12.19
CA PRO A 128 21.06 25.40 -11.46
C PRO A 128 22.50 25.76 -11.77
N ARG A 129 23.30 24.84 -12.30
CA ARG A 129 24.70 25.12 -12.57
C ARG A 129 24.98 25.57 -13.99
N SER A 130 24.02 25.40 -14.91
CA SER A 130 24.23 25.73 -16.31
C SER A 130 23.09 26.58 -16.85
N PHE A 131 22.59 27.51 -16.04
CA PHE A 131 21.51 28.41 -16.46
C PHE A 131 21.98 29.86 -16.55
N LYS A 132 22.52 30.40 -15.46
CA LYS A 132 22.97 31.79 -15.45
C LYS A 132 23.87 32.00 -14.25
N ASP A 133 24.98 32.71 -14.47
CA ASP A 133 25.94 33.02 -13.42
C ASP A 133 25.93 34.52 -13.14
N SER A 134 26.01 34.87 -11.86
CA SER A 134 25.97 36.26 -11.44
C SER A 134 27.23 36.72 -10.72
N ASN A 135 27.71 35.94 -9.75
CA ASN A 135 28.88 36.34 -8.96
C ASN A 135 30.19 36.19 -9.73
N LYS A 136 30.14 35.77 -11.00
CA LYS A 136 31.33 35.70 -11.85
C LYS A 136 32.38 34.75 -11.28
N ASP A 137 31.99 33.49 -11.11
CA ASP A 137 32.91 32.46 -10.62
C ASP A 137 33.13 31.32 -11.61
N GLY A 138 32.22 31.12 -12.56
CA GLY A 138 32.36 30.05 -13.53
C GLY A 138 31.19 29.09 -13.52
N ASN A 139 30.53 28.98 -12.38
CA ASN A 139 29.40 28.07 -12.22
C ASN A 139 28.11 28.86 -12.04
N GLY A 140 27.00 28.27 -12.48
CA GLY A 140 25.71 28.90 -12.28
C GLY A 140 25.31 28.95 -10.82
N ASP A 141 24.41 29.86 -10.50
CA ASP A 141 23.95 30.06 -9.13
C ASP A 141 22.45 30.32 -9.14
N LEU A 142 21.87 30.33 -7.93
CA LEU A 142 20.46 30.62 -7.78
C LEU A 142 20.14 32.08 -8.04
N LYS A 143 21.12 32.98 -7.85
CA LYS A 143 20.89 34.39 -8.14
C LYS A 143 20.74 34.62 -9.65
N GLY A 144 21.47 33.86 -10.45
CA GLY A 144 21.33 33.99 -11.90
C GLY A 144 19.95 33.58 -12.41
N ILE A 145 19.30 32.65 -11.72
CA ILE A 145 17.94 32.29 -12.09
C ILE A 145 16.97 33.41 -11.75
N GLN A 146 17.23 34.15 -10.68
CA GLN A 146 16.38 35.27 -10.32
C GLN A 146 16.52 36.42 -11.31
N ASP A 147 17.73 36.62 -11.84
CA ASP A 147 17.93 37.68 -12.82
C ASP A 147 17.22 37.38 -14.13
N LYS A 148 17.13 36.11 -14.51
CA LYS A 148 16.44 35.69 -15.72
C LYS A 148 15.02 35.21 -15.46
N LEU A 149 14.39 35.69 -14.38
CA LEU A 149 13.03 35.28 -14.05
C LEU A 149 12.02 35.86 -15.04
N ASP A 150 12.30 37.05 -15.57
CA ASP A 150 11.38 37.71 -16.54
C ASP A 150 11.27 36.87 -17.80
N TYR A 151 12.36 36.18 -18.20
CA TYR A 151 12.33 35.36 -19.40
C TYR A 151 11.50 34.10 -19.20
N ILE A 152 11.45 33.59 -17.96
CA ILE A 152 10.63 32.41 -17.66
C ILE A 152 9.16 32.74 -17.82
N THR A 153 8.74 33.91 -17.36
CA THR A 153 7.35 34.32 -17.53
C THR A 153 7.01 34.64 -18.97
N ALA A 154 8.02 35.02 -19.77
CA ALA A 154 7.79 35.30 -21.18
C ALA A 154 7.40 34.05 -21.95
N LEU A 155 7.77 32.87 -21.47
CA LEU A 155 7.39 31.61 -22.09
C LEU A 155 6.10 31.03 -21.53
N ASN A 156 5.36 31.81 -20.73
CA ASN A 156 4.12 31.36 -20.09
C ASN A 156 4.35 30.12 -19.25
N ILE A 157 5.45 30.10 -18.52
CA ILE A 157 5.83 28.97 -17.68
C ILE A 157 5.22 29.16 -16.30
N LYS A 158 4.69 28.07 -15.74
CA LYS A 158 4.06 28.10 -14.42
C LYS A 158 4.98 27.62 -13.31
N THR A 159 5.69 26.52 -13.52
CA THR A 159 6.56 25.95 -12.50
C THR A 159 7.99 25.82 -13.03
N VAL A 160 8.95 25.88 -12.12
CA VAL A 160 10.36 25.90 -12.48
C VAL A 160 10.98 24.51 -12.38
N TRP A 161 10.81 23.83 -11.24
CA TRP A 161 11.37 22.51 -10.99
C TRP A 161 12.90 22.55 -11.12
N ILE A 162 13.52 23.29 -10.21
CA ILE A 162 14.98 23.40 -10.17
C ILE A 162 15.57 22.05 -9.80
N THR A 163 16.59 21.62 -10.55
CA THR A 163 17.28 20.38 -10.26
C THR A 163 18.03 20.49 -8.93
N SER A 164 18.23 19.35 -8.28
CA SER A 164 18.81 19.24 -6.94
C SER A 164 20.01 20.17 -6.75
N PHE A 165 19.92 21.04 -5.74
CA PHE A 165 20.98 21.99 -5.40
C PHE A 165 21.20 21.92 -3.89
N TYR A 166 22.10 21.04 -3.47
CA TYR A 166 22.40 20.85 -2.06
C TYR A 166 23.91 20.80 -1.87
N LYS A 167 24.33 20.82 -0.60
CA LYS A 167 25.74 20.61 -0.28
C LYS A 167 26.08 19.15 -0.50
N SER A 168 26.59 18.81 -1.68
CA SER A 168 26.80 17.43 -2.08
C SER A 168 28.29 17.20 -2.35
N SER A 169 28.82 16.09 -1.83
CA SER A 169 30.17 15.67 -2.16
C SER A 169 30.25 15.01 -3.53
N LEU A 170 29.12 14.62 -4.10
CA LEU A 170 29.05 14.01 -5.44
C LEU A 170 27.95 14.72 -6.21
N LYS A 171 28.35 15.60 -7.14
CA LYS A 171 27.39 16.38 -7.90
C LYS A 171 26.62 15.55 -8.93
N ASP A 172 27.04 14.32 -9.18
CA ASP A 172 26.33 13.45 -10.13
C ASP A 172 25.98 12.14 -9.47
N PHE A 173 25.50 11.18 -10.27
CA PHE A 173 25.14 9.84 -9.78
C PHE A 173 24.07 9.94 -8.69
N ARG A 174 22.90 10.43 -9.08
CA ARG A 174 21.72 10.58 -8.23
C ARG A 174 21.92 11.59 -7.12
N TYR A 175 22.93 12.46 -7.23
CA TYR A 175 23.11 13.61 -6.34
C TYR A 175 23.22 13.20 -4.88
N GLY A 176 24.30 12.49 -4.58
CA GLY A 176 24.60 12.11 -3.21
C GLY A 176 24.81 13.31 -2.31
N VAL A 177 23.86 13.56 -1.40
CA VAL A 177 23.86 14.75 -0.55
C VAL A 177 24.54 14.43 0.76
N GLU A 178 25.35 15.37 1.26
CA GLU A 178 25.96 15.27 2.58
C GLU A 178 25.34 16.21 3.59
N ASP A 179 24.47 17.14 3.16
CA ASP A 179 23.82 18.05 4.08
C ASP A 179 22.51 18.50 3.42
N PHE A 180 21.37 18.04 3.97
CA PHE A 180 20.09 18.37 3.38
C PHE A 180 19.59 19.74 3.81
N ARG A 181 20.02 20.23 4.98
CA ARG A 181 19.57 21.50 5.51
C ARG A 181 20.39 22.69 5.01
N GLU A 182 21.58 22.44 4.45
CA GLU A 182 22.45 23.50 4.01
C GLU A 182 22.66 23.42 2.50
N VAL A 183 23.15 24.51 1.94
CA VAL A 183 23.45 24.62 0.51
C VAL A 183 24.96 24.70 0.34
N ASP A 184 25.45 24.14 -0.76
CA ASP A 184 26.87 24.14 -1.09
C ASP A 184 27.38 25.57 -1.26
N PRO A 185 28.69 25.80 -1.27
CA PRO A 185 29.20 27.15 -1.56
C PRO A 185 28.73 27.67 -2.91
N ILE A 186 28.55 26.80 -3.89
CA ILE A 186 28.01 27.18 -5.19
C ILE A 186 26.51 27.37 -5.02
N PHE A 187 25.86 27.99 -6.01
CA PHE A 187 24.44 28.30 -5.98
C PHE A 187 24.08 29.28 -4.87
N GLY A 188 25.06 30.06 -4.41
CA GLY A 188 24.80 31.04 -3.36
C GLY A 188 24.72 30.41 -1.99
N THR A 189 24.05 31.12 -1.09
CA THR A 189 23.84 30.69 0.29
C THR A 189 22.35 30.54 0.56
N MET A 190 22.01 30.31 1.83
CA MET A 190 20.61 30.16 2.20
C MET A 190 19.83 31.45 1.98
N GLU A 191 20.49 32.60 2.11
CA GLU A 191 19.81 33.87 1.87
C GLU A 191 19.56 34.08 0.38
N ASP A 192 20.45 33.59 -0.47
CA ASP A 192 20.24 33.69 -1.91
C ASP A 192 19.07 32.81 -2.36
N PHE A 193 18.82 31.71 -1.66
CA PHE A 193 17.68 30.87 -1.99
C PHE A 193 16.37 31.50 -1.53
N GLU A 194 16.38 32.12 -0.34
CA GLU A 194 15.16 32.74 0.17
C GLU A 194 14.74 33.92 -0.71
N ASN A 195 15.70 34.65 -1.29
CA ASN A 195 15.37 35.73 -2.20
C ASN A 195 14.90 35.22 -3.55
N LEU A 196 15.27 34.00 -3.92
CA LEU A 196 14.84 33.43 -5.20
C LEU A 196 13.38 32.98 -5.14
N VAL A 197 13.02 32.25 -4.08
CA VAL A 197 11.65 31.78 -3.94
C VAL A 197 10.69 32.95 -3.72
N ALA A 198 11.15 33.99 -3.01
CA ALA A 198 10.30 35.15 -2.79
C ALA A 198 10.05 35.92 -4.10
N ALA A 199 11.09 36.08 -4.91
CA ALA A 199 10.91 36.75 -6.20
C ALA A 199 10.08 35.91 -7.16
N ILE A 200 10.09 34.58 -7.00
CA ILE A 200 9.27 33.71 -7.83
C ILE A 200 7.80 33.89 -7.50
N HIS A 201 7.46 33.99 -6.22
CA HIS A 201 6.07 34.15 -5.82
C HIS A 201 5.53 35.51 -6.22
N ASP A 202 6.40 36.51 -6.37
CA ASP A 202 5.94 37.85 -6.76
C ASP A 202 5.48 37.88 -8.20
N LYS A 203 6.04 37.03 -9.06
CA LYS A 203 5.68 36.98 -10.47
C LYS A 203 4.63 35.92 -10.77
N GLY A 204 3.99 35.37 -9.74
CA GLY A 204 2.96 34.36 -9.94
C GLY A 204 3.45 33.00 -10.34
N LEU A 205 4.76 32.75 -10.26
CA LEU A 205 5.31 31.46 -10.64
C LEU A 205 5.33 30.51 -9.43
N LYS A 206 5.60 29.24 -9.72
CA LYS A 206 5.69 28.21 -8.70
C LYS A 206 7.06 27.54 -8.75
N LEU A 207 7.49 27.04 -7.60
CA LEU A 207 8.80 26.41 -7.47
C LEU A 207 8.64 24.94 -7.13
N ILE A 208 9.64 24.15 -7.54
CA ILE A 208 9.74 22.72 -7.19
C ILE A 208 11.22 22.39 -7.04
N ILE A 209 11.57 21.68 -5.99
CA ILE A 209 12.96 21.28 -5.75
C ILE A 209 13.04 19.76 -5.73
N ASP A 210 14.19 19.24 -6.16
CA ASP A 210 14.42 17.81 -6.17
C ASP A 210 14.79 17.33 -4.77
N PHE A 211 14.35 16.12 -4.43
CA PHE A 211 14.60 15.53 -3.13
C PHE A 211 15.10 14.12 -3.31
N ILE A 212 16.20 13.79 -2.63
CA ILE A 212 16.79 12.45 -2.71
C ILE A 212 16.79 11.82 -1.32
N PRO A 213 15.68 11.23 -0.88
CA PRO A 213 15.66 10.59 0.45
C PRO A 213 16.26 9.19 0.47
N ASN A 214 16.61 8.63 -0.69
CA ASN A 214 17.08 7.24 -0.73
C ASN A 214 18.43 7.09 -0.04
N HIS A 215 19.44 7.81 -0.50
CA HIS A 215 20.81 7.65 -0.03
C HIS A 215 21.36 8.97 0.47
N THR A 216 22.56 8.91 1.03
CA THR A 216 23.30 10.09 1.49
C THR A 216 24.74 10.01 1.01
N SER A 217 25.59 10.89 1.52
CA SER A 217 27.00 10.92 1.15
C SER A 217 27.85 10.35 2.29
N ASP A 218 29.11 10.05 1.95
CA ASP A 218 30.03 9.50 2.95
C ASP A 218 30.40 10.55 3.99
N LYS A 219 30.43 11.82 3.61
CA LYS A 219 30.79 12.90 4.51
C LYS A 219 29.60 13.41 5.33
N HIS A 220 28.47 12.73 5.28
CA HIS A 220 27.31 13.14 6.05
C HIS A 220 27.55 12.90 7.54
N ILE A 221 26.93 13.75 8.37
CA ILE A 221 27.09 13.61 9.81
C ILE A 221 26.41 12.35 10.34
N TRP A 222 25.47 11.79 9.58
CA TRP A 222 24.82 10.55 10.01
C TRP A 222 25.72 9.34 9.76
N PHE A 223 26.43 9.33 8.63
CA PHE A 223 27.30 8.20 8.32
C PHE A 223 28.56 8.23 9.16
N GLN A 224 29.09 9.42 9.44
CA GLN A 224 30.27 9.52 10.30
C GLN A 224 29.97 9.09 11.73
N LEU A 225 28.72 9.26 12.17
CA LEU A 225 28.30 8.82 13.49
C LEU A 225 27.82 7.38 13.51
N SER A 226 27.55 6.78 12.34
CA SER A 226 27.11 5.39 12.27
C SER A 226 28.27 4.41 12.33
N ARG A 227 29.44 4.78 11.81
CA ARG A 227 30.60 3.88 11.84
C ARG A 227 31.15 3.70 13.24
N THR A 228 30.87 4.63 14.15
CA THR A 228 31.34 4.54 15.53
C THR A 228 30.27 4.04 16.49
N ARG A 229 29.07 3.75 16.00
CA ARG A 229 27.95 3.28 16.82
C ARG A 229 27.67 4.26 17.96
N THR A 230 27.40 5.51 17.58
CA THR A 230 27.18 6.60 18.53
C THR A 230 25.69 6.88 18.61
N GLY A 231 25.06 6.38 19.68
CA GLY A 231 23.66 6.67 19.93
C GLY A 231 22.72 5.96 18.97
N LYS A 232 21.70 6.69 18.54
CA LYS A 232 20.65 6.13 17.69
C LYS A 232 21.09 5.95 16.24
N TYR A 233 22.22 6.54 15.84
CA TYR A 233 22.66 6.45 14.46
C TYR A 233 23.37 5.14 14.11
N THR A 234 23.44 4.19 15.05
CA THR A 234 24.13 2.94 14.78
C THR A 234 23.38 2.06 13.78
N ASP A 235 22.08 2.27 13.61
CA ASP A 235 21.28 1.49 12.67
C ASP A 235 20.63 2.37 11.60
N TYR A 236 21.20 3.54 11.32
CA TYR A 236 20.66 4.42 10.30
C TYR A 236 20.94 3.92 8.88
N TYR A 237 21.85 2.97 8.72
CA TYR A 237 22.19 2.42 7.42
C TYR A 237 22.10 0.90 7.46
N ILE A 238 22.05 0.30 6.28
CA ILE A 238 21.95 -1.16 6.17
C ILE A 238 23.35 -1.72 6.38
N TRP A 239 23.62 -2.19 7.60
CA TRP A 239 24.90 -2.77 7.97
C TRP A 239 24.77 -4.28 8.11
N HIS A 240 25.80 -5.00 7.66
CA HIS A 240 25.81 -6.45 7.74
C HIS A 240 27.24 -6.93 7.93
N ASP A 241 27.41 -7.95 8.76
CA ASP A 241 28.73 -8.50 9.05
C ASP A 241 29.24 -9.29 7.85
N CYS A 242 30.40 -8.91 7.34
CA CYS A 242 31.02 -9.57 6.20
C CYS A 242 32.47 -9.89 6.52
N THR A 243 33.01 -10.86 5.80
CA THR A 243 34.40 -11.26 5.93
C THR A 243 35.25 -10.40 5.01
N HIS A 244 36.36 -9.88 5.55
CA HIS A 244 37.27 -9.05 4.78
C HIS A 244 38.69 -9.31 5.29
N GLU A 245 39.40 -10.20 4.60
CA GLU A 245 40.74 -10.62 5.00
C GLU A 245 41.78 -9.89 4.15
N ASN A 246 43.04 -10.35 4.25
CA ASN A 246 44.21 -9.67 3.70
C ASN A 246 43.96 -9.03 2.34
N GLY A 247 43.35 -9.77 1.41
CA GLY A 247 43.35 -9.34 0.02
C GLY A 247 42.10 -8.68 -0.51
N LYS A 248 40.94 -9.23 -0.19
CA LYS A 248 39.71 -8.65 -0.71
C LYS A 248 38.51 -8.88 0.18
N THR A 249 37.45 -8.14 -0.09
CA THR A 249 36.21 -8.25 0.66
C THR A 249 35.25 -9.20 -0.03
N ILE A 250 34.39 -9.84 0.76
CA ILE A 250 33.37 -10.75 0.23
C ILE A 250 31.99 -10.23 0.65
N PRO A 251 31.13 -9.88 -0.30
CA PRO A 251 29.80 -9.37 0.05
C PRO A 251 28.90 -10.49 0.53
N PRO A 252 27.87 -10.17 1.32
CA PRO A 252 26.96 -11.22 1.78
C PRO A 252 26.16 -11.87 0.65
N ASN A 253 25.95 -11.15 -0.45
CA ASN A 253 25.23 -11.69 -1.60
C ASN A 253 25.81 -11.09 -2.87
N ASN A 254 25.25 -11.49 -4.00
CA ASN A 254 25.70 -11.02 -5.30
C ASN A 254 24.96 -9.76 -5.76
N TRP A 255 24.42 -8.99 -4.82
CA TRP A 255 23.71 -7.76 -5.16
C TRP A 255 24.69 -6.73 -5.73
N LEU A 256 24.47 -6.33 -6.98
CA LEU A 256 25.33 -5.41 -7.67
C LEU A 256 24.75 -4.01 -7.68
N SER A 257 25.62 -3.01 -7.71
CA SER A 257 25.19 -1.63 -7.78
C SER A 257 24.86 -1.24 -9.21
N VAL A 258 24.14 -0.13 -9.35
CA VAL A 258 23.75 0.34 -10.68
C VAL A 258 24.96 0.91 -11.42
N TYR A 259 25.98 1.36 -10.70
CA TYR A 259 27.14 2.02 -11.29
C TYR A 259 28.44 1.29 -10.97
N GLY A 260 28.42 -0.05 -10.91
CA GLY A 260 29.63 -0.79 -10.69
C GLY A 260 29.37 -2.15 -10.07
N ASN A 261 30.36 -2.65 -9.34
CA ASN A 261 30.31 -3.98 -8.75
C ASN A 261 29.87 -3.92 -7.30
N SER A 262 29.58 -5.10 -6.74
CA SER A 262 29.71 -5.35 -5.31
C SER A 262 29.09 -4.25 -4.45
N SER A 263 27.76 -4.17 -4.46
CA SER A 263 27.04 -3.10 -3.79
C SER A 263 27.13 -3.20 -2.27
N TRP A 264 28.02 -4.07 -1.76
CA TRP A 264 28.36 -4.11 -0.35
C TRP A 264 29.84 -3.77 -0.22
N HIS A 265 30.15 -2.66 0.44
CA HIS A 265 31.53 -2.22 0.61
C HIS A 265 31.91 -2.30 2.08
N PHE A 266 33.19 -2.60 2.34
CA PHE A 266 33.71 -2.79 3.68
C PHE A 266 34.45 -1.53 4.13
N ASP A 267 34.25 -1.16 5.39
CA ASP A 267 34.98 -0.07 6.02
C ASP A 267 35.73 -0.61 7.23
N GLU A 268 36.90 -0.03 7.51
CA GLU A 268 37.76 -0.51 8.58
C GLU A 268 37.40 0.05 9.95
N VAL A 269 36.46 0.99 10.04
CA VAL A 269 36.04 1.50 11.34
C VAL A 269 35.00 0.58 11.98
N ARG A 270 33.87 0.40 11.30
CA ARG A 270 32.79 -0.44 11.83
C ARG A 270 33.01 -1.93 11.57
N ASN A 271 33.93 -2.28 10.67
CA ASN A 271 34.25 -3.67 10.36
C ASN A 271 33.03 -4.44 9.85
N GLN A 272 32.14 -3.76 9.14
CA GLN A 272 30.95 -4.37 8.58
C GLN A 272 30.68 -3.77 7.20
N CYS A 273 30.00 -4.55 6.36
CA CYS A 273 29.65 -4.09 5.02
C CYS A 273 28.38 -3.25 5.06
N TYR A 274 28.36 -2.17 4.30
CA TYR A 274 27.21 -1.29 4.20
C TYR A 274 26.64 -1.35 2.79
N PHE A 275 25.31 -1.24 2.70
CA PHE A 275 24.60 -1.30 1.43
C PHE A 275 24.45 0.10 0.85
N HIS A 276 24.94 0.28 -0.37
CA HIS A 276 24.88 1.58 -1.05
C HIS A 276 24.07 1.52 -2.33
N GLN A 277 24.32 0.54 -3.20
CA GLN A 277 23.55 0.24 -4.40
C GLN A 277 23.72 1.27 -5.50
N PHE A 278 24.37 2.41 -5.23
CA PHE A 278 24.57 3.42 -6.25
C PHE A 278 26.06 3.68 -6.52
N MET A 279 26.82 3.99 -5.48
CA MET A 279 28.23 4.29 -5.63
C MET A 279 28.96 3.96 -4.33
N LYS A 280 30.28 3.97 -4.40
CA LYS A 280 31.08 3.66 -3.21
C LYS A 280 30.90 4.69 -2.10
N GLU A 281 30.53 5.92 -2.44
CA GLU A 281 30.35 6.99 -1.48
C GLU A 281 28.90 7.46 -1.44
N GLN A 282 27.95 6.53 -1.54
CA GLN A 282 26.53 6.84 -1.50
C GLN A 282 25.79 5.74 -0.74
N PRO A 283 25.99 5.67 0.58
CA PRO A 283 25.35 4.60 1.36
C PRO A 283 23.85 4.77 1.41
N ASP A 284 23.13 3.68 1.11
CA ASP A 284 21.68 3.71 1.14
C ASP A 284 21.18 3.88 2.58
N LEU A 285 20.30 4.85 2.78
CA LEU A 285 19.74 5.13 4.10
C LEU A 285 18.68 4.10 4.43
N ASN A 286 18.91 3.28 5.45
CA ASN A 286 17.98 2.25 5.86
C ASN A 286 16.65 2.86 6.29
N PHE A 287 15.59 2.58 5.54
CA PHE A 287 14.28 3.15 5.80
C PHE A 287 13.42 2.30 6.73
N ARG A 288 13.86 1.08 7.06
CA ARG A 288 13.11 0.26 8.01
C ARG A 288 13.25 0.75 9.44
N ASN A 289 14.15 1.69 9.70
CA ASN A 289 14.29 2.27 11.03
C ASN A 289 13.26 3.38 11.21
N PRO A 290 12.39 3.27 12.23
CA PRO A 290 11.37 4.30 12.46
C PRO A 290 11.97 5.69 12.69
N ASP A 291 13.21 5.75 13.15
CA ASP A 291 13.88 7.02 13.41
C ASP A 291 14.26 7.69 12.09
N VAL A 292 14.72 6.89 11.15
CA VAL A 292 15.13 7.38 9.83
C VAL A 292 13.93 7.88 9.04
N GLN A 293 12.83 7.14 9.08
CA GLN A 293 11.63 7.56 8.38
C GLN A 293 11.08 8.87 8.94
N GLU A 294 11.30 9.13 10.22
CA GLU A 294 10.85 10.38 10.82
C GLU A 294 11.85 11.51 10.56
N GLU A 295 13.12 11.19 10.38
CA GLU A 295 14.11 12.22 10.07
C GLU A 295 13.89 12.81 8.69
N ILE A 296 13.36 12.01 7.75
CA ILE A 296 13.03 12.53 6.43
C ILE A 296 11.88 13.51 6.50
N LYS A 297 10.94 13.29 7.44
CA LYS A 297 9.83 14.22 7.60
C LYS A 297 10.33 15.60 8.03
N GLU A 298 11.34 15.65 8.90
CA GLU A 298 11.87 16.93 9.33
C GLU A 298 12.57 17.67 8.20
N ILE A 299 13.17 16.94 7.26
CA ILE A 299 13.78 17.58 6.10
C ILE A 299 12.72 18.12 5.17
N LEU A 300 11.60 17.39 5.02
CA LEU A 300 10.52 17.87 4.17
C LEU A 300 9.86 19.11 4.76
N ARG A 301 9.58 19.10 6.06
CA ARG A 301 8.97 20.26 6.70
C ARG A 301 9.91 21.45 6.74
N PHE A 302 11.22 21.21 6.70
CA PHE A 302 12.17 22.32 6.71
C PHE A 302 12.06 23.17 5.46
N TRP A 303 12.01 22.53 4.29
CA TRP A 303 11.89 23.28 3.04
C TRP A 303 10.47 23.76 2.78
N LEU A 304 9.47 23.06 3.32
CA LEU A 304 8.09 23.50 3.12
C LEU A 304 7.80 24.81 3.84
N THR A 305 8.44 25.05 4.99
CA THR A 305 8.30 26.34 5.65
C THR A 305 8.97 27.45 4.86
N LYS A 306 10.03 27.12 4.11
CA LYS A 306 10.68 28.11 3.26
C LYS A 306 9.80 28.51 2.08
N GLY A 307 8.87 27.65 1.69
CA GLY A 307 8.00 27.92 0.57
C GLY A 307 8.40 27.31 -0.75
N VAL A 308 9.03 26.13 -0.73
CA VAL A 308 9.48 25.50 -1.97
C VAL A 308 8.33 25.04 -2.85
N ASP A 309 7.10 25.01 -2.32
CA ASP A 309 5.90 24.73 -3.10
C ASP A 309 5.96 23.36 -3.78
N GLY A 310 6.38 22.35 -3.05
CA GLY A 310 6.39 20.98 -3.54
C GLY A 310 7.79 20.42 -3.64
N PHE A 311 7.84 19.11 -3.82
CA PHE A 311 9.08 18.35 -3.95
C PHE A 311 9.02 17.49 -5.21
N SER A 312 10.13 16.80 -5.47
CA SER A 312 10.22 15.87 -6.60
C SER A 312 11.21 14.78 -6.21
N LEU A 313 10.68 13.63 -5.76
CA LEU A 313 11.53 12.55 -5.32
C LEU A 313 12.33 11.99 -6.49
N ASP A 314 13.58 11.60 -6.21
CA ASP A 314 14.51 11.13 -7.24
C ASP A 314 14.47 9.62 -7.40
N ALA A 315 14.79 8.88 -6.33
CA ALA A 315 14.86 7.42 -6.36
C ALA A 315 13.86 6.87 -5.35
N VAL A 316 12.71 6.42 -5.83
CA VAL A 316 11.67 5.88 -4.98
C VAL A 316 11.70 4.35 -4.95
N LYS A 317 12.00 3.72 -6.08
CA LYS A 317 12.02 2.26 -6.15
C LYS A 317 13.24 1.64 -5.51
N PHE A 318 14.21 2.43 -5.07
CA PHE A 318 15.39 1.93 -4.39
C PHE A 318 15.34 2.18 -2.88
N LEU A 319 14.18 2.53 -2.35
CA LEU A 319 14.08 2.86 -0.92
C LEU A 319 14.26 1.61 -0.06
N LEU A 320 13.38 0.63 -0.23
CA LEU A 320 13.40 -0.57 0.59
C LEU A 320 14.00 -1.74 -0.17
N GLU A 321 14.64 -2.63 0.57
CA GLU A 321 15.21 -3.86 0.03
C GLU A 321 14.68 -5.05 0.81
N ALA A 322 15.00 -6.25 0.33
CA ALA A 322 14.56 -7.47 0.98
C ALA A 322 15.36 -7.73 2.24
N LYS A 323 14.68 -8.05 3.34
CA LYS A 323 15.37 -8.33 4.59
C LYS A 323 16.18 -9.62 4.50
N HIS A 324 15.70 -10.59 3.73
CA HIS A 324 16.44 -11.83 3.52
C HIS A 324 17.52 -11.60 2.47
N LEU A 325 18.78 -11.58 2.89
CA LEU A 325 19.90 -11.30 2.00
C LEU A 325 20.18 -12.54 1.13
N ARG A 326 19.28 -12.75 0.18
CA ARG A 326 19.38 -13.86 -0.76
C ARG A 326 19.90 -13.38 -2.10
N ASP A 327 20.51 -14.30 -2.84
CA ASP A 327 21.09 -13.96 -4.13
C ASP A 327 20.00 -13.74 -5.17
N GLU A 328 20.21 -12.74 -6.03
CA GLU A 328 19.26 -12.45 -7.09
C GLU A 328 19.36 -13.50 -8.20
N ILE A 329 18.29 -13.58 -8.99
CA ILE A 329 18.25 -14.52 -10.11
C ILE A 329 19.03 -13.95 -11.26
N GLN A 330 19.98 -14.73 -11.79
CA GLN A 330 20.80 -14.29 -12.91
C GLN A 330 20.05 -14.48 -14.22
N VAL A 331 20.28 -13.56 -15.15
CA VAL A 331 19.67 -13.68 -16.48
C VAL A 331 20.27 -14.87 -17.22
N ASN A 332 21.58 -15.08 -17.09
CA ASN A 332 22.26 -16.21 -17.69
C ASN A 332 22.43 -17.29 -16.62
N LYS A 333 21.65 -18.36 -16.73
CA LYS A 333 21.70 -19.42 -15.72
C LYS A 333 23.01 -20.18 -15.78
N THR A 334 23.54 -20.39 -16.98
CA THR A 334 24.81 -21.11 -17.15
C THR A 334 26.03 -20.23 -16.87
N GLN A 335 25.83 -18.98 -16.50
CA GLN A 335 26.94 -18.07 -16.25
C GLN A 335 27.68 -18.46 -14.98
N ILE A 336 29.01 -18.39 -15.04
CA ILE A 336 29.84 -18.74 -13.88
C ILE A 336 29.76 -17.62 -12.85
N PRO A 337 29.65 -17.91 -11.55
CA PRO A 337 29.77 -16.85 -10.55
C PRO A 337 31.16 -16.24 -10.49
N ASP A 338 31.36 -15.29 -9.59
CA ASP A 338 32.58 -14.49 -9.48
C ASP A 338 32.89 -13.71 -10.75
N THR A 339 31.91 -13.56 -11.65
CA THR A 339 32.06 -12.81 -12.89
C THR A 339 30.95 -11.81 -13.14
N VAL A 340 29.77 -11.98 -12.55
CA VAL A 340 28.65 -11.08 -12.76
C VAL A 340 28.94 -9.75 -12.07
N THR A 341 29.28 -8.73 -12.88
CA THR A 341 29.60 -7.41 -12.34
C THR A 341 28.81 -6.30 -13.03
N GLN A 342 27.83 -6.65 -13.86
CA GLN A 342 27.02 -5.66 -14.57
C GLN A 342 25.60 -5.66 -14.02
N TYR A 343 25.02 -4.47 -13.89
CA TYR A 343 23.66 -4.34 -13.39
C TYR A 343 22.62 -4.88 -14.37
N SER A 344 22.99 -5.04 -15.64
CA SER A 344 22.03 -5.51 -16.63
C SER A 344 21.84 -7.02 -16.61
N GLU A 345 22.88 -7.78 -16.29
CA GLU A 345 22.81 -9.23 -16.28
C GLU A 345 22.39 -9.77 -14.90
N LEU A 346 21.29 -9.25 -14.39
CA LEU A 346 20.77 -9.68 -13.09
C LEU A 346 19.34 -9.22 -12.90
N TYR A 347 18.46 -10.14 -12.51
CA TYR A 347 17.07 -9.80 -12.23
C TYR A 347 16.97 -9.22 -10.82
N HIS A 348 16.54 -7.97 -10.72
CA HIS A 348 16.50 -7.25 -9.44
C HIS A 348 15.09 -7.35 -8.87
N ASP A 349 14.82 -8.48 -8.22
CA ASP A 349 13.53 -8.72 -7.57
C ASP A 349 13.56 -8.49 -6.07
N PHE A 350 14.75 -8.31 -5.48
CA PHE A 350 14.88 -8.10 -4.04
C PHE A 350 15.42 -6.73 -3.68
N THR A 351 15.77 -5.89 -4.67
CA THR A 351 16.31 -4.58 -4.41
C THR A 351 15.52 -3.46 -5.07
N THR A 352 14.38 -3.77 -5.70
CA THR A 352 13.58 -2.76 -6.39
C THR A 352 12.11 -3.09 -6.21
N THR A 353 11.34 -2.09 -5.80
CA THR A 353 9.89 -2.21 -5.63
C THR A 353 9.54 -3.34 -4.66
N GLN A 354 9.96 -3.18 -3.41
CA GLN A 354 9.68 -4.15 -2.36
C GLN A 354 8.35 -3.84 -1.68
N VAL A 355 7.89 -4.80 -0.88
CA VAL A 355 6.64 -4.63 -0.15
C VAL A 355 6.83 -3.59 0.94
N GLY A 356 6.00 -2.54 0.91
CA GLY A 356 6.11 -1.45 1.84
C GLY A 356 6.79 -0.21 1.28
N MET A 357 7.32 -0.28 0.06
CA MET A 357 7.95 0.88 -0.54
C MET A 357 6.92 1.96 -0.85
N HIS A 358 5.75 1.57 -1.35
CA HIS A 358 4.71 2.55 -1.66
C HIS A 358 4.14 3.18 -0.38
N ASP A 359 4.09 2.41 0.71
CA ASP A 359 3.59 2.96 1.96
C ASP A 359 4.47 4.09 2.48
N ILE A 360 5.77 4.02 2.20
CA ILE A 360 6.66 5.14 2.54
C ILE A 360 6.36 6.34 1.65
N VAL A 361 6.05 6.09 0.37
CA VAL A 361 5.65 7.17 -0.52
C VAL A 361 4.28 7.72 -0.12
N ARG A 362 3.39 6.85 0.38
CA ARG A 362 2.10 7.32 0.87
C ARG A 362 2.25 8.20 2.10
N SER A 363 3.28 7.95 2.92
CA SER A 363 3.50 8.75 4.11
C SER A 363 4.13 10.11 3.78
N PHE A 364 4.86 10.20 2.66
CA PHE A 364 5.42 11.47 2.25
C PHE A 364 4.33 12.46 1.87
N ARG A 365 3.27 11.99 1.21
CA ARG A 365 2.16 12.87 0.87
C ARG A 365 1.39 13.29 2.11
N GLN A 366 1.26 12.38 3.10
CA GLN A 366 0.56 12.73 4.33
C GLN A 366 1.28 13.82 5.10
N THR A 367 2.61 13.86 5.04
CA THR A 367 3.35 14.92 5.70
C THR A 367 3.18 16.24 4.96
N MET A 368 3.22 16.22 3.63
CA MET A 368 3.05 17.44 2.85
C MET A 368 1.60 17.91 2.85
N ASP A 369 0.66 17.04 3.20
CA ASP A 369 -0.75 17.44 3.26
C ASP A 369 -1.02 18.44 4.37
N GLN A 370 -0.18 18.47 5.41
CA GLN A 370 -0.35 19.44 6.49
C GLN A 370 -0.09 20.86 6.04
N TYR A 371 0.69 21.06 4.98
CA TYR A 371 1.01 22.38 4.45
C TYR A 371 0.14 22.74 3.26
N SER A 372 -0.74 21.85 2.81
CA SER A 372 -1.61 22.09 1.68
C SER A 372 -3.03 22.46 2.09
N THR A 373 -3.23 22.81 3.37
CA THR A 373 -4.55 23.19 3.84
C THR A 373 -5.01 24.54 3.28
N GLU A 374 -4.08 25.36 2.83
CA GLU A 374 -4.44 26.65 2.25
C GLU A 374 -5.10 26.44 0.89
N PRO A 375 -6.04 27.31 0.51
CA PRO A 375 -6.73 27.12 -0.77
C PRO A 375 -5.83 27.31 -1.98
N GLY A 376 -4.84 28.20 -1.90
CA GLY A 376 -3.98 28.46 -3.04
C GLY A 376 -2.60 27.85 -2.92
N ARG A 377 -2.23 27.43 -1.71
CA ARG A 377 -0.91 26.86 -1.46
C ARG A 377 -1.03 25.34 -1.39
N TYR A 378 -0.97 24.72 -2.56
CA TYR A 378 -0.99 23.27 -2.69
C TYR A 378 0.43 22.74 -2.93
N ARG A 379 0.67 21.53 -2.41
CA ARG A 379 1.99 20.92 -2.48
C ARG A 379 1.99 19.80 -3.52
N PHE A 380 2.96 19.83 -4.42
CA PHE A 380 3.12 18.82 -5.45
C PHE A 380 4.17 17.81 -5.01
N MET A 381 3.97 16.55 -5.41
CA MET A 381 4.91 15.48 -5.11
C MET A 381 5.06 14.59 -6.33
N GLY A 382 6.29 14.45 -6.82
CA GLY A 382 6.59 13.59 -7.95
C GLY A 382 7.49 12.45 -7.53
N THR A 383 7.26 11.28 -8.15
CA THR A 383 8.03 10.09 -7.80
C THR A 383 9.27 9.93 -8.67
N GLU A 384 9.14 10.15 -9.98
CA GLU A 384 10.26 10.07 -10.93
C GLU A 384 10.94 8.70 -10.86
N ALA A 385 10.16 7.68 -11.22
CA ALA A 385 10.65 6.30 -11.28
C ALA A 385 10.98 5.98 -12.74
N TYR A 386 12.27 5.87 -13.03
CA TYR A 386 12.74 5.64 -14.39
C TYR A 386 13.20 4.19 -14.57
N ALA A 387 13.34 3.80 -15.84
CA ALA A 387 13.83 2.49 -16.22
C ALA A 387 12.97 1.37 -15.62
N GLU A 388 11.69 1.37 -15.99
CA GLU A 388 10.76 0.35 -15.54
C GLU A 388 9.61 0.26 -16.53
N SER A 389 8.77 -0.75 -16.34
CA SER A 389 7.64 -0.97 -17.23
C SER A 389 6.53 0.06 -16.96
N ILE A 390 5.49 -0.01 -17.80
CA ILE A 390 4.41 0.97 -17.71
C ILE A 390 3.46 0.64 -16.56
N ASP A 391 3.27 -0.65 -16.26
CA ASP A 391 2.35 -1.02 -15.19
C ASP A 391 2.90 -0.65 -13.82
N ARG A 392 4.23 -0.58 -13.69
CA ARG A 392 4.82 -0.20 -12.41
C ARG A 392 4.85 1.32 -12.24
N THR A 393 4.88 2.07 -13.33
CA THR A 393 4.91 3.53 -13.23
C THR A 393 3.56 4.08 -12.85
N VAL A 394 2.48 3.51 -13.39
CA VAL A 394 1.13 3.98 -13.08
C VAL A 394 0.69 3.64 -11.67
N MET A 395 1.43 2.78 -10.97
CA MET A 395 1.09 2.45 -9.59
C MET A 395 1.37 3.61 -8.65
N TYR A 396 2.21 4.56 -9.05
CA TYR A 396 2.48 5.74 -8.22
C TYR A 396 1.36 6.76 -8.27
N TYR A 397 0.40 6.62 -9.18
CA TYR A 397 -0.74 7.52 -9.23
C TYR A 397 -1.62 7.40 -7.99
N GLY A 398 -1.60 6.24 -7.32
CA GLY A 398 -2.43 6.01 -6.15
C GLY A 398 -3.70 5.28 -6.48
N LEU A 399 -4.50 5.09 -5.43
CA LEU A 399 -5.79 4.43 -5.52
C LEU A 399 -6.93 5.42 -5.33
N PRO A 400 -8.14 5.09 -5.80
CA PRO A 400 -9.26 6.03 -5.65
C PRO A 400 -9.64 6.34 -4.20
N PHE A 401 -9.07 5.63 -3.22
CA PHE A 401 -9.38 5.88 -1.83
C PHE A 401 -8.16 6.26 -0.99
N ILE A 402 -6.98 6.38 -1.60
CA ILE A 402 -5.78 6.81 -0.90
C ILE A 402 -4.88 7.53 -1.88
N GLN A 403 -4.47 8.76 -1.54
CA GLN A 403 -3.64 9.57 -2.41
C GLN A 403 -2.17 9.28 -2.16
N GLU A 404 -1.43 9.06 -3.23
CA GLU A 404 0.01 8.80 -3.16
C GLU A 404 0.82 9.92 -3.77
N ALA A 405 0.55 10.27 -5.03
CA ALA A 405 1.26 11.34 -5.71
C ALA A 405 0.37 11.90 -6.81
N ASP A 406 0.70 13.12 -7.24
CA ASP A 406 -0.07 13.76 -8.30
C ASP A 406 0.11 13.03 -9.62
N PHE A 407 1.36 12.92 -10.09
CA PHE A 407 1.64 12.11 -11.26
C PHE A 407 3.11 11.73 -11.27
N PRO A 408 3.46 10.53 -11.72
CA PRO A 408 4.88 10.21 -11.91
C PRO A 408 5.41 10.83 -13.20
N PHE A 409 6.68 11.23 -13.16
CA PHE A 409 7.29 11.88 -14.30
C PHE A 409 7.41 10.90 -15.46
N ASN A 410 6.88 11.29 -16.61
CA ASN A 410 6.81 10.42 -17.78
C ASN A 410 8.21 10.30 -18.40
N ASN A 411 8.90 9.19 -18.10
CA ASN A 411 10.22 8.97 -18.66
C ASN A 411 10.17 8.69 -20.16
N TYR A 412 9.03 8.25 -20.68
CA TYR A 412 8.90 7.96 -22.10
C TYR A 412 8.99 9.26 -22.91
N LEU A 413 9.09 9.08 -24.23
CA LEU A 413 9.34 10.14 -25.22
C LEU A 413 10.72 10.75 -25.10
N SER A 414 11.54 10.30 -24.15
CA SER A 414 12.91 10.76 -24.00
C SER A 414 13.94 9.73 -24.39
N MET A 415 13.69 8.45 -24.09
CA MET A 415 14.60 7.39 -24.49
C MET A 415 14.43 7.02 -25.96
N LEU A 416 13.42 7.57 -26.62
CA LEU A 416 13.17 7.29 -28.03
C LEU A 416 14.18 8.04 -28.88
N ASP A 417 15.06 7.29 -29.54
CA ASP A 417 16.07 7.88 -30.41
C ASP A 417 15.55 8.11 -31.82
N THR A 418 14.97 7.09 -32.43
CA THR A 418 14.39 7.19 -33.77
C THR A 418 12.87 7.29 -33.64
N VAL A 419 12.30 8.38 -34.12
CA VAL A 419 10.87 8.64 -34.01
C VAL A 419 10.21 8.39 -35.35
N SER A 420 9.05 7.75 -35.32
CA SER A 420 8.25 7.49 -36.51
C SER A 420 6.78 7.60 -36.11
N GLY A 421 5.89 7.20 -37.02
CA GLY A 421 4.48 7.26 -36.72
C GLY A 421 4.04 6.24 -35.68
N ASN A 422 4.70 5.08 -35.66
CA ASN A 422 4.32 4.00 -34.75
C ASN A 422 4.99 4.11 -33.39
N SER A 423 6.24 4.58 -33.33
CA SER A 423 6.92 4.70 -32.05
C SER A 423 6.31 5.80 -31.19
N VAL A 424 5.90 6.91 -31.81
CA VAL A 424 5.29 8.00 -31.06
C VAL A 424 3.87 7.64 -30.64
N TYR A 425 3.14 6.94 -31.50
CA TYR A 425 1.76 6.55 -31.16
C TYR A 425 1.73 5.53 -30.05
N GLU A 426 2.69 4.61 -30.02
CA GLU A 426 2.72 3.59 -28.97
C GLU A 426 2.98 4.22 -27.61
N VAL A 427 3.84 5.24 -27.55
CA VAL A 427 4.16 5.88 -26.28
C VAL A 427 2.94 6.60 -25.72
N ILE A 428 2.20 7.31 -26.57
CA ILE A 428 1.05 8.07 -26.11
C ILE A 428 -0.05 7.13 -25.62
N THR A 429 -0.28 6.03 -26.33
CA THR A 429 -1.34 5.10 -25.95
C THR A 429 -0.94 4.26 -24.74
N SER A 430 0.36 4.03 -24.54
CA SER A 430 0.80 3.24 -23.40
C SER A 430 0.54 3.97 -22.08
N TRP A 431 0.57 5.30 -22.09
CA TRP A 431 0.35 6.06 -20.87
C TRP A 431 -1.14 6.30 -20.62
N MET A 432 -1.90 6.57 -21.67
CA MET A 432 -3.32 6.91 -21.50
C MET A 432 -4.15 5.67 -21.18
N GLU A 433 -3.71 4.49 -21.60
CA GLU A 433 -4.47 3.27 -21.36
C GLU A 433 -4.17 2.63 -20.02
N ASN A 434 -2.96 2.86 -19.47
CA ASN A 434 -2.59 2.28 -18.20
C ASN A 434 -2.86 3.20 -17.02
N MET A 435 -3.03 4.50 -17.26
CA MET A 435 -3.26 5.44 -16.16
C MET A 435 -4.70 5.35 -15.69
N PRO A 436 -4.94 5.32 -14.38
CA PRO A 436 -6.32 5.35 -13.89
C PRO A 436 -7.00 6.65 -14.25
N GLU A 437 -8.33 6.58 -14.40
CA GLU A 437 -9.09 7.73 -14.86
C GLU A 437 -9.28 8.75 -13.73
N GLY A 438 -9.34 10.02 -14.11
CA GLY A 438 -9.39 11.11 -13.16
C GLY A 438 -8.04 11.63 -12.72
N LYS A 439 -6.96 10.96 -13.11
CA LYS A 439 -5.62 11.42 -12.84
C LYS A 439 -5.13 12.35 -13.94
N TRP A 440 -4.06 13.08 -13.66
CA TRP A 440 -3.49 14.02 -14.61
C TRP A 440 -2.21 13.46 -15.19
N PRO A 441 -2.14 13.21 -16.50
CA PRO A 441 -0.89 12.70 -17.08
C PRO A 441 0.17 13.78 -17.21
N ASN A 442 1.30 13.43 -17.82
CA ASN A 442 2.39 14.39 -18.02
C ASN A 442 3.28 13.88 -19.15
N TRP A 443 4.12 14.78 -19.65
CA TRP A 443 5.02 14.45 -20.75
C TRP A 443 6.23 15.37 -20.70
N MET A 444 7.40 14.80 -20.99
CA MET A 444 8.63 15.58 -21.11
C MET A 444 9.49 14.98 -22.21
N ILE A 445 9.97 15.83 -23.11
CA ILE A 445 10.72 15.34 -24.26
C ILE A 445 12.17 15.05 -23.88
N GLY A 446 12.76 15.87 -23.01
CA GLY A 446 14.14 15.69 -22.61
C GLY A 446 14.31 15.97 -21.14
N GLY A 447 15.53 15.72 -20.66
CA GLY A 447 15.87 15.93 -19.27
C GLY A 447 17.37 15.97 -19.06
N PRO A 448 17.78 15.98 -17.78
CA PRO A 448 19.23 16.01 -17.51
C PRO A 448 19.94 14.73 -17.91
N ASP A 449 19.37 13.57 -17.60
CA ASP A 449 19.98 12.29 -17.93
C ASP A 449 19.48 11.76 -19.27
N SER A 450 19.59 12.59 -20.31
CA SER A 450 19.16 12.21 -21.65
C SER A 450 19.79 13.18 -22.64
N SER A 451 19.92 12.72 -23.89
CA SER A 451 20.50 13.55 -24.94
C SER A 451 19.53 14.66 -25.33
N ARG A 452 20.07 15.69 -25.97
CA ARG A 452 19.26 16.81 -26.40
C ARG A 452 18.30 16.39 -27.52
N LEU A 453 17.31 17.25 -27.79
CA LEU A 453 16.31 16.93 -28.79
C LEU A 453 16.90 16.95 -30.19
N THR A 454 17.61 18.02 -30.53
CA THR A 454 18.18 18.14 -31.88
C THR A 454 19.39 17.22 -32.07
N SER A 455 19.99 16.74 -30.99
CA SER A 455 21.11 15.81 -31.10
C SER A 455 20.67 14.35 -31.15
N ARG A 456 19.49 14.03 -30.63
CA ARG A 456 18.96 12.67 -30.68
C ARG A 456 18.00 12.45 -31.83
N LEU A 457 17.21 13.46 -32.19
CA LEU A 457 16.24 13.36 -33.27
C LEU A 457 16.64 14.17 -34.51
N GLY A 458 17.13 15.38 -34.33
CA GLY A 458 17.50 16.23 -35.45
C GLY A 458 16.94 17.63 -35.34
N ASN A 459 17.53 18.57 -36.07
CA ASN A 459 17.04 19.95 -36.03
C ASN A 459 15.67 20.11 -36.67
N GLN A 460 15.28 19.19 -37.56
CA GLN A 460 13.98 19.26 -38.19
C GLN A 460 12.85 18.83 -37.25
N TYR A 461 13.15 18.03 -36.24
CA TYR A 461 12.14 17.55 -35.30
C TYR A 461 11.99 18.44 -34.07
N VAL A 462 12.72 19.55 -34.01
CA VAL A 462 12.62 20.42 -32.84
C VAL A 462 11.26 21.11 -32.78
N ASN A 463 10.73 21.50 -33.94
CA ASN A 463 9.46 22.22 -33.97
C ASN A 463 8.27 21.28 -33.77
N VAL A 464 8.32 20.08 -34.36
CA VAL A 464 7.18 19.18 -34.26
C VAL A 464 7.08 18.54 -32.89
N MET A 465 8.20 18.33 -32.20
CA MET A 465 8.16 17.74 -30.87
C MET A 465 7.68 18.74 -29.83
N ASN A 466 7.92 20.04 -30.06
CA ASN A 466 7.43 21.05 -29.14
C ASN A 466 5.92 21.19 -29.22
N MET A 467 5.34 20.98 -30.41
CA MET A 467 3.88 21.02 -30.54
C MET A 467 3.24 19.81 -29.87
N LEU A 468 3.85 18.63 -30.03
CA LEU A 468 3.32 17.43 -29.38
C LEU A 468 3.32 17.58 -27.86
N LEU A 469 4.28 18.31 -27.30
CA LEU A 469 4.33 18.47 -25.85
C LEU A 469 3.18 19.33 -25.35
N PHE A 470 2.72 20.30 -26.13
CA PHE A 470 1.68 21.23 -25.70
C PHE A 470 0.30 20.86 -26.20
N THR A 471 0.17 19.88 -27.09
CA THR A 471 -1.12 19.45 -27.60
C THR A 471 -1.64 18.19 -26.90
N LEU A 472 -0.93 17.71 -25.88
CA LEU A 472 -1.32 16.54 -25.11
C LEU A 472 -2.01 16.95 -23.82
N PRO A 473 -2.91 16.10 -23.29
CA PRO A 473 -3.66 16.51 -22.10
C PRO A 473 -2.80 16.66 -20.86
N GLY A 474 -1.64 16.02 -20.81
CA GLY A 474 -0.78 16.09 -19.64
C GLY A 474 -0.13 17.45 -19.47
N THR A 475 0.59 17.58 -18.35
CA THR A 475 1.31 18.81 -18.05
C THR A 475 2.62 18.80 -18.83
N PRO A 476 2.81 19.71 -19.79
CA PRO A 476 4.07 19.72 -20.55
C PRO A 476 5.24 20.14 -19.68
N ILE A 477 6.30 19.33 -19.69
CA ILE A 477 7.51 19.60 -18.94
C ILE A 477 8.63 19.83 -19.94
N THR A 478 9.28 20.99 -19.85
CA THR A 478 10.31 21.40 -20.79
C THR A 478 11.65 21.50 -20.08
N TYR A 479 12.68 20.89 -20.67
CA TYR A 479 14.03 21.02 -20.15
C TYR A 479 14.59 22.40 -20.48
N TYR A 480 15.61 22.81 -19.72
CA TYR A 480 16.24 24.10 -19.98
C TYR A 480 16.98 24.06 -21.31
N GLY A 481 16.84 25.12 -22.08
CA GLY A 481 17.41 25.16 -23.41
C GLY A 481 16.69 24.31 -24.44
N GLU A 482 15.55 23.73 -24.09
CA GLU A 482 14.82 22.88 -25.03
C GLU A 482 13.87 23.68 -25.91
N GLU A 483 13.42 24.86 -25.45
CA GLU A 483 12.54 25.69 -26.26
C GLU A 483 13.21 26.07 -27.58
N ILE A 484 14.53 26.25 -27.57
CA ILE A 484 15.29 26.46 -28.80
C ILE A 484 16.09 25.18 -29.08
N GLY A 485 16.69 25.14 -30.26
CA GLY A 485 17.47 23.97 -30.64
C GLY A 485 18.90 24.03 -30.18
N MET A 486 19.20 23.41 -29.04
CA MET A 486 20.54 23.39 -28.46
C MET A 486 21.12 21.99 -28.60
N GLY A 487 22.24 21.89 -29.31
CA GLY A 487 22.87 20.61 -29.54
C GLY A 487 23.75 20.16 -28.39
N ASN A 488 24.12 18.88 -28.43
CA ASN A 488 24.99 18.31 -27.42
C ASN A 488 26.43 18.77 -27.63
N ILE A 489 27.24 18.59 -26.58
CA ILE A 489 28.65 18.94 -26.62
C ILE A 489 29.47 17.67 -26.40
N VAL A 490 30.74 17.74 -26.80
CA VAL A 490 31.63 16.61 -26.62
C VAL A 490 31.99 16.46 -25.15
N ALA A 491 32.34 15.24 -24.76
CA ALA A 491 32.66 14.95 -23.37
C ALA A 491 34.03 15.51 -23.02
N ALA A 492 34.08 16.40 -22.04
CA ALA A 492 35.31 16.99 -21.56
C ALA A 492 35.79 16.30 -20.29
N ASN A 493 37.09 16.36 -20.05
CA ASN A 493 37.71 15.72 -18.89
C ASN A 493 37.73 16.73 -17.75
N LEU A 494 36.79 16.59 -16.82
CA LEU A 494 36.68 17.47 -15.66
C LEU A 494 37.35 16.83 -14.45
N ASN A 495 37.97 17.66 -13.63
CA ASN A 495 38.67 17.17 -12.45
C ASN A 495 37.68 16.67 -11.38
N GLU A 496 36.46 17.17 -11.40
CA GLU A 496 35.43 16.75 -10.46
C GLU A 496 34.83 15.41 -10.88
N SER A 497 34.30 14.69 -9.90
CA SER A 497 33.70 13.38 -10.13
C SER A 497 32.36 13.55 -10.83
N TYR A 498 32.38 13.49 -12.16
CA TYR A 498 31.18 13.66 -12.97
C TYR A 498 31.08 12.51 -13.97
N ASP A 499 29.86 12.16 -14.32
CA ASP A 499 29.64 11.12 -15.32
C ASP A 499 30.02 11.64 -16.70
N ILE A 500 30.86 10.88 -17.40
CA ILE A 500 31.26 11.26 -18.75
C ILE A 500 30.03 11.30 -19.67
N ASN A 501 29.24 10.22 -19.66
CA ASN A 501 27.99 10.23 -20.39
C ASN A 501 26.94 11.03 -19.63
N THR A 502 25.87 11.38 -20.34
CA THR A 502 24.78 12.22 -19.85
C THR A 502 25.25 13.60 -19.40
N LEU A 503 26.50 13.96 -19.69
CA LEU A 503 27.00 15.30 -19.38
C LEU A 503 26.84 16.26 -20.55
N ARG A 504 26.58 15.74 -21.75
CA ARG A 504 26.38 16.59 -22.93
C ARG A 504 25.16 17.49 -22.79
N SER A 505 24.19 17.12 -21.94
CA SER A 505 23.00 17.91 -21.74
C SER A 505 23.17 19.00 -20.68
N LYS A 506 24.31 19.02 -19.98
CA LYS A 506 24.57 20.01 -18.95
C LYS A 506 25.28 21.25 -19.48
N SER A 507 25.22 21.49 -20.79
CA SER A 507 25.87 22.64 -21.38
C SER A 507 25.23 23.93 -20.89
N PRO A 508 26.00 25.00 -20.70
CA PRO A 508 25.43 26.26 -20.22
C PRO A 508 24.42 26.82 -21.20
N MET A 509 23.46 27.57 -20.65
CA MET A 509 22.41 28.16 -21.48
C MET A 509 22.97 29.25 -22.37
N GLN A 510 22.61 29.21 -23.65
CA GLN A 510 23.08 30.20 -24.63
C GLN A 510 22.15 31.40 -24.57
N TRP A 511 22.57 32.44 -23.87
CA TRP A 511 21.77 33.65 -23.71
C TRP A 511 22.06 34.66 -24.81
N ASP A 512 23.29 35.10 -24.93
CA ASP A 512 23.72 36.09 -25.90
C ASP A 512 24.74 35.46 -26.86
N ASN A 513 25.33 36.30 -27.72
CA ASN A 513 26.42 35.88 -28.59
C ASN A 513 27.77 36.42 -28.11
N SER A 514 27.84 36.83 -26.85
CA SER A 514 29.10 37.32 -26.27
C SER A 514 29.95 36.12 -25.84
N SER A 515 30.99 36.40 -25.05
CA SER A 515 31.87 35.33 -24.58
C SER A 515 31.08 34.34 -23.71
N ASN A 516 31.29 33.05 -23.98
CA ASN A 516 30.58 31.97 -23.29
C ASN A 516 29.07 32.08 -23.45
N ALA A 517 28.62 32.62 -24.60
CA ALA A 517 27.21 32.77 -24.92
C ALA A 517 26.46 33.56 -23.87
N GLY A 518 27.12 34.51 -23.22
CA GLY A 518 26.47 35.32 -22.20
C GLY A 518 26.10 34.59 -20.94
N PHE A 519 26.58 33.36 -20.75
CA PHE A 519 26.25 32.61 -19.54
C PHE A 519 26.98 33.18 -18.33
N SER A 520 28.25 33.58 -18.51
CA SER A 520 29.03 34.13 -17.43
C SER A 520 30.12 35.02 -18.01
N GLU A 521 30.40 36.14 -17.34
CA GLU A 521 31.47 37.03 -17.75
C GLU A 521 32.86 36.55 -17.34
N ALA A 522 32.95 35.41 -16.67
CA ALA A 522 34.22 34.86 -16.22
C ALA A 522 34.78 33.90 -17.27
N SER A 523 36.05 33.54 -17.09
CA SER A 523 36.72 32.62 -17.99
C SER A 523 36.75 31.22 -17.39
N ASN A 524 37.19 30.26 -18.21
CA ASN A 524 37.34 28.85 -17.87
C ASN A 524 36.16 28.32 -17.05
N THR A 525 34.98 28.40 -17.67
CA THR A 525 33.75 27.94 -17.05
C THR A 525 33.80 26.45 -16.73
N TRP A 526 32.84 26.00 -15.93
CA TRP A 526 32.82 24.61 -15.49
C TRP A 526 32.58 23.64 -16.64
N LEU A 527 31.89 24.09 -17.69
CA LEU A 527 31.64 23.25 -18.85
C LEU A 527 31.73 24.13 -20.10
N PRO A 528 32.40 23.66 -21.15
CA PRO A 528 32.53 24.47 -22.36
C PRO A 528 31.19 24.66 -23.05
N THR A 529 30.87 25.91 -23.36
CA THR A 529 29.64 26.23 -24.06
C THR A 529 29.70 25.68 -25.48
N ASN A 530 28.54 25.25 -25.99
CA ASN A 530 28.46 24.72 -27.35
C ASN A 530 29.01 25.72 -28.35
N SER A 531 29.64 25.19 -29.41
CA SER A 531 30.35 26.03 -30.35
C SER A 531 29.41 26.93 -31.15
N ASP A 532 28.35 26.36 -31.71
CA ASP A 532 27.41 27.11 -32.54
C ASP A 532 26.41 27.86 -31.67
N TYR A 533 26.93 28.81 -30.89
CA TYR A 533 26.09 29.68 -30.07
C TYR A 533 25.87 31.06 -30.68
N HIS A 534 26.69 31.45 -31.65
CA HIS A 534 26.48 32.74 -32.33
C HIS A 534 25.20 32.74 -33.15
N THR A 535 24.75 31.56 -33.57
CA THR A 535 23.52 31.45 -34.36
C THR A 535 22.33 30.96 -33.57
N VAL A 536 22.55 30.35 -32.41
CA VAL A 536 21.47 29.81 -31.58
C VAL A 536 21.59 30.45 -30.20
N ASN A 537 20.73 31.44 -29.93
CA ASN A 537 20.65 32.05 -28.62
C ASN A 537 19.31 32.75 -28.49
N VAL A 538 18.94 33.07 -27.25
CA VAL A 538 17.63 33.66 -27.00
C VAL A 538 17.52 35.04 -27.63
N ASP A 539 18.61 35.80 -27.69
CA ASP A 539 18.55 37.15 -28.24
C ASP A 539 18.39 37.13 -29.76
N VAL A 540 19.07 36.20 -30.44
CA VAL A 540 18.97 36.12 -31.89
C VAL A 540 17.60 35.60 -32.31
N GLN A 541 17.10 34.56 -31.63
CA GLN A 541 15.82 33.97 -31.99
C GLN A 541 14.65 34.89 -31.65
N LYS A 542 14.85 35.88 -30.79
CA LYS A 542 13.76 36.79 -30.45
C LYS A 542 13.58 37.87 -31.50
N THR A 543 14.68 38.36 -32.09
CA THR A 543 14.59 39.43 -33.07
C THR A 543 14.18 38.92 -34.44
N GLN A 544 14.46 37.65 -34.76
CA GLN A 544 14.11 37.22 -36.10
C GLN A 544 12.79 36.45 -36.08
N PRO A 545 11.96 36.61 -37.10
CA PRO A 545 10.72 35.83 -37.20
C PRO A 545 11.01 34.44 -37.77
N ARG A 546 9.96 33.61 -37.71
CA ARG A 546 10.02 32.23 -38.21
C ARG A 546 11.11 31.41 -37.53
N SER A 547 11.43 31.76 -36.28
CA SER A 547 12.44 31.05 -35.51
C SER A 547 11.80 30.00 -34.62
N ALA A 548 12.64 29.14 -34.04
CA ALA A 548 12.15 28.13 -33.10
C ALA A 548 12.19 28.64 -31.67
N LEU A 549 11.71 29.87 -31.48
CA LEU A 549 11.46 30.43 -30.15
C LEU A 549 10.06 31.01 -30.05
N LYS A 550 9.56 31.61 -31.14
CA LYS A 550 8.20 32.12 -31.15
C LYS A 550 7.19 30.98 -31.15
N LEU A 551 7.54 29.86 -31.77
CA LEU A 551 6.65 28.71 -31.77
C LEU A 551 6.44 28.18 -30.35
N TYR A 552 7.48 28.26 -29.52
CA TYR A 552 7.33 27.86 -28.13
C TYR A 552 6.52 28.89 -27.34
N GLN A 553 6.53 30.15 -27.77
CA GLN A 553 5.82 31.19 -27.05
C GLN A 553 4.32 31.13 -27.29
N ASP A 554 3.90 31.06 -28.56
CA ASP A 554 2.48 31.03 -28.87
C ASP A 554 1.85 29.67 -28.59
N LEU A 555 2.65 28.61 -28.50
CA LEU A 555 2.12 27.31 -28.12
C LEU A 555 1.68 27.32 -26.65
N SER A 556 2.53 27.87 -25.78
CA SER A 556 2.16 28.01 -24.38
C SER A 556 1.03 29.03 -24.20
N LEU A 557 0.98 30.03 -25.06
CA LEU A 557 -0.13 30.98 -25.03
C LEU A 557 -1.43 30.33 -25.47
N LEU A 558 -1.37 29.53 -26.56
CA LEU A 558 -2.55 28.81 -27.01
C LEU A 558 -2.98 27.75 -25.99
N HIS A 559 -2.01 27.14 -25.30
CA HIS A 559 -2.34 26.15 -24.29
C HIS A 559 -2.95 26.79 -23.05
N ALA A 560 -2.60 28.04 -22.75
CA ALA A 560 -3.11 28.72 -21.56
C ALA A 560 -4.40 29.47 -21.83
N ASN A 561 -4.53 30.08 -23.02
CA ASN A 561 -5.74 30.86 -23.33
C ASN A 561 -6.90 29.95 -23.70
N GLU A 562 -6.68 29.04 -24.64
CA GLU A 562 -7.75 28.15 -25.09
C GLU A 562 -8.04 27.09 -24.03
N LEU A 563 -9.32 26.77 -23.84
CA LEU A 563 -9.73 25.78 -22.88
C LEU A 563 -9.71 24.36 -23.43
N LEU A 564 -9.66 24.21 -24.76
CA LEU A 564 -9.61 22.88 -25.36
C LEU A 564 -8.30 22.17 -25.05
N LEU A 565 -7.21 22.92 -24.92
CA LEU A 565 -5.91 22.33 -24.60
C LEU A 565 -5.69 22.20 -23.11
N ASN A 566 -6.34 23.04 -22.30
CA ASN A 566 -6.17 22.95 -20.85
C ASN A 566 -6.86 21.71 -20.29
N ARG A 567 -8.17 21.61 -20.48
CA ARG A 567 -8.97 20.48 -19.99
C ARG A 567 -9.94 20.09 -21.11
N GLY A 568 -9.52 19.16 -21.95
CA GLY A 568 -10.35 18.70 -23.06
C GLY A 568 -10.12 17.22 -23.33
N TRP A 569 -11.01 16.67 -24.15
CA TRP A 569 -10.90 15.26 -24.52
C TRP A 569 -9.72 15.04 -25.46
N PHE A 570 -9.27 13.79 -25.52
CA PHE A 570 -8.15 13.39 -26.36
C PHE A 570 -8.55 12.15 -27.15
N CYS A 571 -8.88 12.33 -28.42
CA CYS A 571 -9.34 11.24 -29.28
C CYS A 571 -8.32 11.07 -30.41
N HIS A 572 -7.52 10.01 -30.32
CA HIS A 572 -6.52 9.73 -31.34
C HIS A 572 -7.11 8.92 -32.48
N LEU A 573 -6.57 9.10 -33.69
CA LEU A 573 -7.14 8.40 -34.86
C LEU A 573 -6.23 7.26 -35.37
N ARG A 574 -6.57 6.00 -35.04
CA ARG A 574 -5.82 4.78 -35.49
C ARG A 574 -4.29 4.89 -35.40
N ASN A 575 -3.58 4.10 -36.20
CA ASN A 575 -2.09 4.09 -36.16
C ASN A 575 -1.51 4.18 -37.57
N ASP A 576 -0.64 5.16 -37.81
CA ASP A 576 0.04 5.22 -39.09
C ASP A 576 1.55 5.26 -38.85
N SER A 577 2.31 4.96 -39.89
CA SER A 577 3.76 5.00 -39.85
C SER A 577 4.34 6.28 -40.45
N HIS A 578 3.49 7.19 -40.93
CA HIS A 578 3.98 8.41 -41.56
C HIS A 578 3.20 9.64 -41.13
N TYR A 579 2.25 9.53 -40.20
CA TYR A 579 1.57 10.68 -39.64
C TYR A 579 0.84 10.26 -38.38
N VAL A 580 0.81 11.17 -37.41
CA VAL A 580 0.11 10.96 -36.14
C VAL A 580 -0.90 12.09 -35.99
N VAL A 581 -2.18 11.73 -35.97
CA VAL A 581 -3.28 12.69 -35.92
C VAL A 581 -4.15 12.38 -34.70
N TYR A 582 -4.45 13.42 -33.92
CA TYR A 582 -5.37 13.31 -32.80
C TYR A 582 -6.19 14.59 -32.71
N THR A 583 -7.32 14.49 -32.02
CA THR A 583 -8.28 15.60 -31.92
C THR A 583 -8.50 15.96 -30.46
N ARG A 584 -8.45 17.25 -30.17
CA ARG A 584 -8.73 17.78 -28.84
C ARG A 584 -10.07 18.49 -28.88
N GLU A 585 -10.99 18.07 -28.00
CA GLU A 585 -12.35 18.59 -28.00
C GLU A 585 -12.86 18.67 -26.57
N LEU A 586 -13.99 19.36 -26.41
CA LEU A 586 -14.64 19.51 -25.12
C LEU A 586 -16.11 19.80 -25.34
N ASP A 587 -16.95 19.28 -24.43
CA ASP A 587 -18.39 19.46 -24.56
C ASP A 587 -18.76 20.92 -24.35
N GLY A 588 -19.59 21.44 -25.24
CA GLY A 588 -20.06 22.81 -25.16
C GLY A 588 -19.20 23.84 -25.86
N ILE A 589 -18.04 23.44 -26.39
CA ILE A 589 -17.17 24.38 -27.09
C ILE A 589 -17.63 24.60 -28.53
N ASP A 590 -18.23 23.58 -29.15
CA ASP A 590 -18.68 23.64 -30.54
C ASP A 590 -17.53 23.92 -31.49
N ARG A 591 -16.34 23.43 -31.12
CA ARG A 591 -15.13 23.68 -31.89
C ARG A 591 -14.06 22.69 -31.43
N ILE A 592 -13.37 22.09 -32.39
CA ILE A 592 -12.37 21.06 -32.09
C ILE A 592 -11.01 21.54 -32.62
N PHE A 593 -9.97 20.89 -32.11
CA PHE A 593 -8.59 21.15 -32.53
C PHE A 593 -8.01 19.87 -33.12
N ILE A 594 -7.70 19.91 -34.42
CA ILE A 594 -7.14 18.77 -35.13
C ILE A 594 -5.64 18.99 -35.26
N VAL A 595 -4.86 18.16 -34.58
CA VAL A 595 -3.40 18.25 -34.60
C VAL A 595 -2.85 17.14 -35.49
N VAL A 596 -1.98 17.51 -36.43
CA VAL A 596 -1.40 16.58 -37.38
C VAL A 596 0.12 16.70 -37.28
N LEU A 597 0.78 15.59 -36.97
CA LEU A 597 2.24 15.53 -36.90
C LEU A 597 2.72 14.49 -37.90
N ASN A 598 3.75 14.83 -38.66
CA ASN A 598 4.21 13.96 -39.74
C ASN A 598 5.02 12.79 -39.21
N PHE A 599 6.20 13.07 -38.62
CA PHE A 599 7.10 12.04 -38.11
C PHE A 599 7.44 11.01 -39.18
N GLY A 600 7.34 11.39 -40.45
CA GLY A 600 7.58 10.46 -41.55
C GLY A 600 8.60 10.96 -42.55
N GLU A 601 8.38 10.68 -43.83
CA GLU A 601 9.29 11.12 -44.90
C GLU A 601 8.48 11.85 -45.96
N SER A 602 8.22 13.14 -45.71
CA SER A 602 7.58 14.07 -46.64
C SER A 602 6.45 13.40 -47.43
N THR A 603 5.48 12.88 -46.70
CA THR A 603 4.33 12.22 -47.31
C THR A 603 3.11 13.13 -47.33
N LEU A 604 2.12 12.74 -48.11
CA LEU A 604 0.87 13.48 -48.24
C LEU A 604 -0.21 12.79 -47.41
N LEU A 605 -1.06 13.59 -46.78
CA LEU A 605 -2.12 13.09 -45.91
C LEU A 605 -3.49 13.43 -46.50
N ASN A 606 -4.39 12.45 -46.44
CA ASN A 606 -5.78 12.63 -46.87
C ASN A 606 -6.65 12.65 -45.61
N LEU A 607 -7.05 13.84 -45.19
CA LEU A 607 -7.84 13.99 -43.98
C LEU A 607 -9.27 13.48 -44.14
N HIS A 608 -9.73 13.25 -45.37
CA HIS A 608 -11.06 12.72 -45.58
C HIS A 608 -11.17 11.24 -45.25
N ASN A 609 -10.03 10.55 -45.08
CA ASN A 609 -10.04 9.14 -44.74
C ASN A 609 -10.02 8.89 -43.24
N MET A 610 -9.73 9.90 -42.44
CA MET A 610 -9.56 9.74 -40.99
C MET A 610 -10.75 10.31 -40.22
N ILE A 611 -11.08 11.57 -40.44
CA ILE A 611 -12.19 12.24 -39.76
C ILE A 611 -13.27 12.56 -40.79
N SER A 612 -14.52 12.34 -40.42
CA SER A 612 -15.66 12.59 -41.28
C SER A 612 -16.34 13.89 -40.89
N GLY A 613 -16.81 14.63 -41.89
CA GLY A 613 -17.51 15.88 -41.67
C GLY A 613 -16.69 17.14 -41.79
N LEU A 614 -15.49 17.05 -42.39
CA LEU A 614 -14.64 18.22 -42.55
C LEU A 614 -15.01 18.98 -43.82
N PRO A 615 -14.94 20.32 -43.80
CA PRO A 615 -15.36 21.09 -44.97
C PRO A 615 -14.34 21.04 -46.10
N ALA A 616 -14.59 21.81 -47.16
CA ALA A 616 -13.70 21.79 -48.31
C ALA A 616 -12.36 22.45 -47.98
N LYS A 617 -12.36 23.46 -47.12
CA LYS A 617 -11.15 24.19 -46.76
C LYS A 617 -11.06 24.32 -45.24
N MET A 618 -9.83 24.24 -44.74
CA MET A 618 -9.55 24.35 -43.32
C MET A 618 -8.36 25.29 -43.10
N ARG A 619 -8.36 26.02 -41.98
CA ARG A 619 -7.30 27.02 -41.75
C ARG A 619 -6.23 26.47 -40.81
N ILE A 620 -4.96 26.75 -41.10
CA ILE A 620 -3.85 26.33 -40.21
C ILE A 620 -3.81 27.30 -39.02
N ARG A 621 -4.32 26.89 -37.87
CA ARG A 621 -4.27 27.77 -36.66
C ARG A 621 -2.81 28.02 -36.28
N LEU A 622 -1.99 26.95 -36.24
CA LEU A 622 -0.56 27.09 -35.86
C LEU A 622 0.31 26.18 -36.73
N SER A 623 1.20 26.77 -37.52
CA SER A 623 2.08 25.96 -38.41
C SER A 623 3.47 25.79 -37.80
N THR A 624 4.19 24.72 -38.13
CA THR A 624 5.58 24.60 -37.62
C THR A 624 6.41 25.72 -38.25
N ASN A 625 6.21 26.00 -39.54
CA ASN A 625 6.88 27.17 -40.17
C ASN A 625 5.88 28.33 -40.13
N SER A 626 6.13 29.36 -39.29
CA SER A 626 5.19 30.50 -39.12
C SER A 626 4.73 31.10 -40.46
N ALA A 627 5.56 31.01 -41.50
CA ALA A 627 5.21 31.55 -42.84
C ALA A 627 3.86 31.01 -43.32
N ASP A 628 3.25 30.07 -42.60
CA ASP A 628 2.02 29.47 -43.12
C ASP A 628 0.79 29.54 -42.21
N LYS A 629 0.91 30.14 -41.03
CA LYS A 629 -0.24 30.24 -40.13
C LYS A 629 -1.33 31.09 -40.77
N GLY A 630 -2.59 30.69 -40.53
CA GLY A 630 -3.70 31.40 -41.14
C GLY A 630 -3.82 31.20 -42.63
N SER A 631 -3.30 30.09 -43.16
CA SER A 631 -3.36 29.82 -44.59
C SER A 631 -4.58 28.95 -44.89
N LYS A 632 -4.68 28.49 -46.13
CA LYS A 632 -5.80 27.67 -46.57
C LYS A 632 -5.29 26.37 -47.17
N VAL A 633 -5.78 25.24 -46.65
CA VAL A 633 -5.39 23.92 -47.14
C VAL A 633 -6.65 23.06 -47.20
N ASP A 634 -6.85 22.37 -48.32
CA ASP A 634 -7.95 21.43 -48.43
C ASP A 634 -7.62 20.14 -47.69
N THR A 635 -8.67 19.41 -47.31
CA THR A 635 -8.48 18.19 -46.55
C THR A 635 -7.84 17.09 -47.40
N SER A 636 -8.42 16.83 -48.58
CA SER A 636 -7.93 15.78 -49.46
C SER A 636 -6.66 16.27 -50.15
N GLY A 637 -5.53 16.02 -49.49
CA GLY A 637 -4.24 16.42 -50.03
C GLY A 637 -3.60 17.56 -49.27
N ILE A 638 -2.65 17.23 -48.39
CA ILE A 638 -1.93 18.21 -47.58
C ILE A 638 -0.44 17.94 -47.72
N PHE A 639 0.32 18.94 -48.12
CA PHE A 639 1.75 18.82 -48.28
C PHE A 639 2.44 19.02 -46.94
N LEU A 640 3.10 17.97 -46.45
CA LEU A 640 3.81 18.02 -45.17
C LEU A 640 5.24 17.59 -45.38
N ASP A 641 6.17 18.33 -44.78
CA ASP A 641 7.59 18.01 -44.87
C ASP A 641 7.96 17.02 -43.77
N LYS A 642 9.25 16.73 -43.61
CA LYS A 642 9.69 15.79 -42.58
C LYS A 642 9.35 16.32 -41.19
N GLY A 643 9.95 17.45 -40.81
CA GLY A 643 9.64 18.07 -39.53
C GLY A 643 8.53 19.10 -39.64
N GLU A 644 7.31 18.63 -39.93
CA GLU A 644 6.18 19.52 -40.15
C GLU A 644 5.02 19.09 -39.28
N GLY A 645 4.36 20.07 -38.65
CA GLY A 645 3.20 19.83 -37.84
C GLY A 645 2.17 20.95 -37.94
N LEU A 646 0.88 20.60 -37.92
CA LEU A 646 -0.18 21.58 -38.09
C LEU A 646 -1.23 21.42 -36.99
N ILE A 647 -1.93 22.51 -36.72
CA ILE A 647 -3.08 22.53 -35.82
C ILE A 647 -4.25 23.11 -36.59
N PHE A 648 -5.32 22.32 -36.76
CA PHE A 648 -6.51 22.75 -37.47
C PHE A 648 -7.63 23.06 -36.49
N GLU A 649 -8.33 24.17 -36.74
CA GLU A 649 -9.42 24.63 -35.88
C GLU A 649 -10.71 24.58 -36.69
N HIS A 650 -11.57 23.62 -36.39
CA HIS A 650 -12.82 23.41 -37.10
C HIS A 650 -13.99 23.67 -36.18
N ASN A 651 -15.05 24.27 -36.72
CA ASN A 651 -16.25 24.60 -35.96
C ASN A 651 -17.33 23.58 -36.29
N THR A 652 -17.71 22.77 -35.30
CA THR A 652 -18.74 21.76 -35.48
C THR A 652 -19.22 21.27 -34.12
N LYS A 653 -20.42 20.69 -34.12
CA LYS A 653 -20.97 20.01 -32.95
C LYS A 653 -21.02 18.50 -33.18
N ASN A 654 -19.98 17.95 -33.79
CA ASN A 654 -19.90 16.54 -34.12
C ASN A 654 -18.66 15.92 -33.47
N LEU A 655 -18.51 16.17 -32.18
CA LEU A 655 -17.34 15.71 -31.43
C LEU A 655 -17.16 14.19 -31.58
N LEU A 656 -15.91 13.78 -31.77
CA LEU A 656 -15.62 12.36 -31.98
C LEU A 656 -15.88 11.53 -30.71
N HIS A 657 -15.74 12.14 -29.54
CA HIS A 657 -15.93 11.41 -28.29
C HIS A 657 -17.38 11.01 -28.06
N ARG A 658 -18.33 11.55 -28.83
CA ARG A 658 -19.73 11.19 -28.70
C ARG A 658 -20.14 10.04 -29.61
N GLN A 659 -19.38 9.77 -30.67
CA GLN A 659 -19.71 8.72 -31.61
C GLN A 659 -19.40 7.35 -31.01
N THR A 660 -20.15 6.34 -31.47
CA THR A 660 -19.95 4.99 -30.96
C THR A 660 -18.62 4.39 -31.41
N ALA A 661 -18.09 4.83 -32.55
CA ALA A 661 -16.82 4.28 -33.03
C ALA A 661 -15.65 4.75 -32.18
N PHE A 662 -15.61 6.04 -31.85
CA PHE A 662 -14.53 6.61 -31.06
C PHE A 662 -14.92 6.65 -29.57
N ARG A 663 -15.06 5.46 -29.00
CA ARG A 663 -15.34 5.31 -27.58
C ARG A 663 -14.20 4.66 -26.82
N ASP A 664 -13.44 3.78 -27.46
CA ASP A 664 -12.29 3.13 -26.83
C ASP A 664 -10.98 3.86 -27.10
N ARG A 665 -11.02 4.98 -27.81
CA ARG A 665 -9.83 5.76 -28.14
C ARG A 665 -9.99 7.23 -27.75
N CYS A 666 -10.81 7.49 -26.73
CA CYS A 666 -11.04 8.83 -26.23
C CYS A 666 -10.89 8.83 -24.72
N PHE A 667 -10.03 9.70 -24.21
CA PHE A 667 -9.76 9.78 -22.78
C PHE A 667 -9.88 11.20 -22.29
N VAL A 668 -10.31 11.36 -21.04
CA VAL A 668 -10.45 12.66 -20.41
C VAL A 668 -10.22 12.49 -18.91
N SER A 669 -9.67 13.53 -18.29
CA SER A 669 -9.39 13.51 -16.86
C SER A 669 -10.55 14.09 -16.06
N ASN A 670 -10.92 15.34 -16.34
CA ASN A 670 -12.01 16.03 -15.68
C ASN A 670 -13.11 16.25 -16.71
N ARG A 671 -14.10 15.35 -16.74
CA ARG A 671 -15.21 15.48 -17.66
C ARG A 671 -16.09 16.65 -17.27
N ALA A 672 -16.22 17.62 -18.17
CA ALA A 672 -17.01 18.82 -17.92
C ALA A 672 -17.65 19.30 -19.21
N CYS A 673 -18.65 20.16 -19.07
CA CYS A 673 -19.33 20.77 -20.20
C CYS A 673 -19.21 22.29 -20.13
N TYR A 674 -18.93 22.89 -21.28
CA TYR A 674 -18.83 24.34 -21.41
C TYR A 674 -20.17 24.93 -21.84
N SER A 675 -20.41 26.17 -21.44
CA SER A 675 -21.61 26.90 -21.81
C SER A 675 -21.20 28.25 -22.37
N SER A 676 -21.64 28.55 -23.60
CA SER A 676 -21.29 29.82 -24.21
C SER A 676 -22.13 30.98 -23.67
N VAL A 677 -23.41 30.74 -23.43
CA VAL A 677 -24.33 31.76 -22.95
C VAL A 677 -23.88 32.19 -21.55
N LEU A 678 -23.84 31.25 -20.62
CA LEU A 678 -23.31 31.49 -19.27
C LEU A 678 -21.87 30.97 -19.20
N ASN A 679 -20.93 31.90 -19.16
CA ASN A 679 -19.50 31.55 -19.22
C ASN A 679 -19.07 30.95 -17.89
N ILE A 680 -19.37 29.67 -17.71
CA ILE A 680 -19.04 28.93 -16.49
C ILE A 680 -18.80 27.47 -16.87
N LEU A 681 -18.16 26.73 -15.96
CA LEU A 681 -17.89 25.31 -16.16
C LEU A 681 -18.99 24.48 -15.53
N TYR A 682 -19.48 23.49 -16.28
CA TYR A 682 -20.56 22.62 -15.83
C TYR A 682 -20.07 21.17 -15.76
N THR A 683 -20.56 20.45 -14.76
CA THR A 683 -20.32 19.01 -14.67
C THR A 683 -21.38 18.23 -15.43
N SER A 684 -22.65 18.45 -15.09
CA SER A 684 -23.76 17.87 -15.82
C SER A 684 -24.20 18.83 -16.94
N CYS A 685 -24.56 18.25 -18.08
CA CYS A 685 -24.91 19.03 -19.26
C CYS A 685 -26.00 18.35 -20.08
N LEU B 92 -26.62 35.62 39.45
CA LEU B 92 -25.78 34.46 39.73
C LEU B 92 -26.21 33.28 38.87
N THR B 93 -27.53 33.15 38.69
CA THR B 93 -28.05 32.06 37.88
C THR B 93 -27.66 32.21 36.42
N VAL B 94 -27.55 33.45 35.95
CA VAL B 94 -27.20 33.69 34.55
C VAL B 94 -25.76 33.26 34.28
N ALA B 95 -24.93 33.22 35.32
CA ALA B 95 -23.58 32.67 35.16
C ALA B 95 -23.57 31.17 35.36
N SER B 96 -24.49 30.66 36.18
CA SER B 96 -24.51 29.23 36.48
C SER B 96 -25.07 28.42 35.30
N VAL B 97 -25.86 29.06 34.44
CA VAL B 97 -26.46 28.32 33.33
C VAL B 97 -25.42 28.03 32.25
N LEU B 98 -24.51 28.96 31.99
CA LEU B 98 -23.47 28.71 31.01
C LEU B 98 -22.36 27.85 31.57
N VAL B 99 -22.13 27.91 32.88
CA VAL B 99 -21.13 27.05 33.49
C VAL B 99 -21.55 25.59 33.40
N LEU B 100 -22.86 25.35 33.24
CA LEU B 100 -23.31 23.99 32.97
C LEU B 100 -23.11 23.61 31.52
N ILE B 101 -23.45 24.50 30.59
CA ILE B 101 -23.24 24.23 29.17
C ILE B 101 -21.75 24.05 28.87
N ALA B 102 -20.90 24.83 29.54
CA ALA B 102 -19.46 24.65 29.38
C ALA B 102 -19.02 23.31 29.94
N ALA B 103 -19.71 22.81 30.97
CA ALA B 103 -19.38 21.51 31.54
C ALA B 103 -19.81 20.38 30.61
N THR B 104 -21.00 20.50 30.00
CA THR B 104 -21.47 19.47 29.08
C THR B 104 -20.62 19.42 27.83
N ILE B 105 -20.30 20.57 27.25
CA ILE B 105 -19.49 20.60 26.04
C ILE B 105 -18.07 20.12 26.33
N ALA B 106 -17.64 20.19 27.58
CA ALA B 106 -16.34 19.64 27.96
C ALA B 106 -16.39 18.12 28.09
N ILE B 107 -17.50 17.58 28.61
CA ILE B 107 -17.65 16.14 28.72
C ILE B 107 -17.74 15.50 27.34
N ILE B 108 -18.50 16.11 26.43
CA ILE B 108 -18.60 15.59 25.07
C ILE B 108 -17.27 15.65 24.35
N ALA B 109 -16.47 16.69 24.61
CA ALA B 109 -15.17 16.83 23.94
C ALA B 109 -14.10 15.96 24.56
N LEU B 110 -14.24 15.60 25.83
CA LEU B 110 -13.25 14.78 26.52
C LEU B 110 -13.65 13.31 26.59
N SER B 111 -14.84 12.96 26.17
CA SER B 111 -15.28 11.57 26.19
C SER B 111 -14.62 10.80 25.05
N PRO B 112 -13.90 9.71 25.32
CA PRO B 112 -13.29 8.95 24.24
C PRO B 112 -14.33 8.20 23.42
N LYS B 113 -13.88 7.69 22.28
CA LYS B 113 -14.75 6.91 21.42
C LYS B 113 -15.08 5.57 22.08
N CYS B 114 -16.37 5.22 22.09
CA CYS B 114 -16.81 3.97 22.70
C CYS B 114 -16.25 2.79 21.93
N LEU B 115 -15.94 1.72 22.67
CA LEU B 115 -15.39 0.52 22.05
C LEU B 115 -16.44 -0.14 21.16
N ASP B 116 -16.02 -0.54 19.96
CA ASP B 116 -16.92 -1.20 19.04
C ASP B 116 -17.27 -2.60 19.53
N TRP B 117 -18.19 -3.24 18.82
CA TRP B 117 -18.65 -4.57 19.23
C TRP B 117 -17.55 -5.61 19.07
N TRP B 118 -16.59 -5.38 18.17
CA TRP B 118 -15.49 -6.31 17.98
C TRP B 118 -14.33 -6.07 18.94
N GLN B 119 -14.34 -4.98 19.70
CA GLN B 119 -13.30 -4.71 20.67
C GLN B 119 -13.66 -5.24 22.06
N GLU B 120 -14.92 -5.10 22.47
CA GLU B 120 -15.39 -5.59 23.75
C GLU B 120 -16.23 -6.85 23.54
N GLY B 121 -16.04 -7.82 24.43
CA GLY B 121 -16.76 -9.07 24.33
C GLY B 121 -15.97 -10.13 23.57
N PRO B 122 -15.91 -11.34 24.13
CA PRO B 122 -15.15 -12.41 23.48
C PRO B 122 -15.89 -13.00 22.30
N MET B 123 -15.14 -13.70 21.47
CA MET B 123 -15.67 -14.42 20.33
C MET B 123 -15.63 -15.92 20.60
N TYR B 124 -16.60 -16.64 20.04
CA TYR B 124 -16.72 -18.09 20.23
C TYR B 124 -16.86 -18.73 18.86
N GLN B 125 -15.72 -19.02 18.23
CA GLN B 125 -15.72 -19.60 16.89
C GLN B 125 -16.43 -20.96 16.89
N ILE B 126 -17.37 -21.13 15.97
CA ILE B 126 -18.21 -22.31 15.91
C ILE B 126 -18.03 -22.99 14.57
N TYR B 127 -17.82 -24.30 14.60
CA TYR B 127 -17.80 -25.10 13.38
C TYR B 127 -19.23 -25.47 13.02
N PRO B 128 -19.72 -25.10 11.83
CA PRO B 128 -21.15 -25.32 11.53
C PRO B 128 -21.54 -26.77 11.37
N ARG B 129 -20.58 -27.66 11.12
CA ARG B 129 -20.91 -29.07 10.89
C ARG B 129 -20.78 -29.93 12.14
N SER B 130 -20.15 -29.43 13.20
CA SER B 130 -19.92 -30.20 14.41
C SER B 130 -20.35 -29.43 15.65
N PHE B 131 -21.45 -28.70 15.56
CA PHE B 131 -21.97 -27.94 16.69
C PHE B 131 -23.30 -28.48 17.18
N LYS B 132 -24.30 -28.57 16.30
CA LYS B 132 -25.61 -29.05 16.69
C LYS B 132 -26.40 -29.39 15.43
N ASP B 133 -27.10 -30.53 15.47
CA ASP B 133 -27.91 -30.99 14.35
C ASP B 133 -29.38 -30.96 14.73
N SER B 134 -30.22 -30.52 13.81
CA SER B 134 -31.65 -30.39 14.05
C SER B 134 -32.51 -31.26 13.14
N ASN B 135 -32.24 -31.27 11.83
CA ASN B 135 -33.06 -32.04 10.90
C ASN B 135 -32.77 -33.53 10.94
N LYS B 136 -31.89 -33.99 11.83
CA LYS B 136 -31.62 -35.41 12.04
C LYS B 136 -31.12 -36.08 10.76
N ASP B 137 -29.98 -35.59 10.26
CA ASP B 137 -29.35 -36.16 9.08
C ASP B 137 -27.95 -36.71 9.33
N GLY B 138 -27.28 -36.25 10.39
CA GLY B 138 -25.95 -36.72 10.69
C GLY B 138 -24.93 -35.60 10.76
N ASN B 139 -25.20 -34.52 10.03
CA ASN B 139 -24.30 -33.37 9.96
C ASN B 139 -24.93 -32.17 10.66
N GLY B 140 -24.09 -31.30 11.21
CA GLY B 140 -24.58 -30.08 11.81
C GLY B 140 -25.15 -29.12 10.78
N ASP B 141 -26.01 -28.23 11.26
CA ASP B 141 -26.67 -27.27 10.40
C ASP B 141 -26.73 -25.91 11.09
N LEU B 142 -27.14 -24.89 10.33
CA LEU B 142 -27.30 -23.56 10.89
C LEU B 142 -28.49 -23.46 11.83
N LYS B 143 -29.49 -24.32 11.66
CA LYS B 143 -30.63 -24.32 12.56
C LYS B 143 -30.23 -24.80 13.95
N GLY B 144 -29.29 -25.75 14.02
CA GLY B 144 -28.83 -26.23 15.31
C GLY B 144 -28.10 -25.16 16.10
N ILE B 145 -27.44 -24.22 15.41
CA ILE B 145 -26.79 -23.12 16.11
C ILE B 145 -27.83 -22.16 16.67
N GLN B 146 -28.96 -22.01 15.99
CA GLN B 146 -30.02 -21.14 16.49
C GLN B 146 -30.69 -21.74 17.72
N ASP B 147 -30.82 -23.07 17.76
CA ASP B 147 -31.42 -23.71 18.93
C ASP B 147 -30.54 -23.57 20.16
N LYS B 148 -29.21 -23.58 19.98
CA LYS B 148 -28.27 -23.42 21.08
C LYS B 148 -27.77 -21.99 21.23
N LEU B 149 -28.55 -21.01 20.78
CA LEU B 149 -28.13 -19.62 20.89
C LEU B 149 -28.16 -19.12 22.32
N ASP B 150 -29.05 -19.67 23.15
CA ASP B 150 -29.14 -19.24 24.55
C ASP B 150 -27.90 -19.67 25.33
N TYR B 151 -27.25 -20.75 24.92
CA TYR B 151 -26.02 -21.16 25.59
C TYR B 151 -24.85 -20.25 25.23
N ILE B 152 -24.87 -19.68 24.02
CA ILE B 152 -23.81 -18.75 23.62
C ILE B 152 -23.87 -17.48 24.45
N THR B 153 -25.07 -16.98 24.73
CA THR B 153 -25.20 -15.80 25.58
C THR B 153 -24.88 -16.11 27.04
N ALA B 154 -25.03 -17.37 27.44
CA ALA B 154 -24.70 -17.75 28.81
C ALA B 154 -23.20 -17.64 29.09
N LEU B 155 -22.37 -17.71 28.07
CA LEU B 155 -20.93 -17.55 28.21
C LEU B 155 -20.48 -16.11 28.02
N ASN B 156 -21.41 -15.16 27.97
CA ASN B 156 -21.10 -13.75 27.75
C ASN B 156 -20.33 -13.54 26.46
N ILE B 157 -20.73 -14.25 25.41
CA ILE B 157 -20.09 -14.19 24.11
C ILE B 157 -20.73 -13.07 23.29
N LYS B 158 -19.91 -12.30 22.59
CA LYS B 158 -20.37 -11.19 21.77
C LYS B 158 -20.50 -11.55 20.29
N THR B 159 -19.49 -12.23 19.73
CA THR B 159 -19.48 -12.56 18.32
C THR B 159 -19.33 -14.07 18.14
N VAL B 160 -19.86 -14.58 17.04
CA VAL B 160 -19.91 -16.01 16.78
C VAL B 160 -18.75 -16.46 15.88
N TRP B 161 -18.57 -15.80 14.75
CA TRP B 161 -17.53 -16.15 13.77
C TRP B 161 -17.70 -17.59 13.30
N ILE B 162 -18.82 -17.82 12.61
CA ILE B 162 -19.10 -19.13 12.05
C ILE B 162 -18.09 -19.45 10.94
N THR B 163 -17.54 -20.66 10.98
CA THR B 163 -16.60 -21.11 9.97
C THR B 163 -17.32 -21.25 8.63
N SER B 164 -16.56 -21.10 7.54
CA SER B 164 -17.08 -21.07 6.17
C SER B 164 -18.13 -22.14 5.92
N PHE B 165 -19.32 -21.70 5.49
CA PHE B 165 -20.44 -22.58 5.19
C PHE B 165 -21.01 -22.15 3.82
N TYR B 166 -20.48 -22.76 2.76
CA TYR B 166 -20.90 -22.45 1.40
C TYR B 166 -21.12 -23.75 0.63
N LYS B 167 -21.68 -23.61 -0.56
CA LYS B 167 -21.79 -24.74 -1.47
C LYS B 167 -20.42 -25.07 -2.03
N SER B 168 -19.71 -25.99 -1.40
CA SER B 168 -18.32 -26.28 -1.73
C SER B 168 -18.18 -27.72 -2.17
N SER B 169 -17.44 -27.93 -3.26
CA SER B 169 -17.09 -29.27 -3.70
C SER B 169 -15.96 -29.87 -2.88
N LEU B 170 -15.24 -29.05 -2.11
CA LEU B 170 -14.15 -29.50 -1.25
C LEU B 170 -14.36 -28.85 0.12
N LYS B 171 -14.83 -29.64 1.08
CA LYS B 171 -15.12 -29.13 2.41
C LYS B 171 -13.88 -28.79 3.22
N ASP B 172 -12.70 -29.21 2.76
CA ASP B 172 -11.46 -28.91 3.46
C ASP B 172 -10.46 -28.24 2.51
N PHE B 173 -9.21 -28.08 2.96
CA PHE B 173 -8.16 -27.48 2.16
C PHE B 173 -8.54 -26.06 1.72
N ARG B 174 -8.70 -25.19 2.71
CA ARG B 174 -9.03 -23.77 2.53
C ARG B 174 -10.42 -23.56 1.96
N TYR B 175 -11.28 -24.57 2.00
CA TYR B 175 -12.70 -24.44 1.68
C TYR B 175 -12.92 -23.92 0.26
N GLY B 176 -12.52 -24.74 -0.70
CA GLY B 176 -12.76 -24.43 -2.10
C GLY B 176 -14.24 -24.33 -2.43
N VAL B 177 -14.71 -23.10 -2.70
CA VAL B 177 -16.12 -22.82 -2.92
C VAL B 177 -16.44 -22.88 -4.39
N GLU B 178 -17.58 -23.47 -4.73
CA GLU B 178 -18.09 -23.49 -6.10
C GLU B 178 -19.28 -22.55 -6.30
N ASP B 179 -19.84 -22.00 -5.23
CA ASP B 179 -20.96 -21.07 -5.35
C ASP B 179 -20.95 -20.18 -4.11
N PHE B 180 -20.61 -18.89 -4.30
CA PHE B 180 -20.52 -17.98 -3.17
C PHE B 180 -21.88 -17.41 -2.77
N ARG B 181 -22.83 -17.37 -3.70
CA ARG B 181 -24.15 -16.81 -3.43
C ARG B 181 -25.13 -17.83 -2.87
N GLU B 182 -24.83 -19.12 -2.97
CA GLU B 182 -25.72 -20.16 -2.52
C GLU B 182 -25.08 -20.97 -1.39
N VAL B 183 -25.92 -21.71 -0.67
CA VAL B 183 -25.48 -22.56 0.42
C VAL B 183 -25.67 -24.02 0.00
N ASP B 184 -24.78 -24.88 0.49
CA ASP B 184 -24.82 -26.31 0.20
C ASP B 184 -26.12 -26.92 0.72
N PRO B 185 -26.49 -28.13 0.31
CA PRO B 185 -27.66 -28.78 0.91
C PRO B 185 -27.55 -28.94 2.40
N ILE B 186 -26.35 -29.14 2.93
CA ILE B 186 -26.11 -29.18 4.36
C ILE B 186 -26.17 -27.76 4.90
N PHE B 187 -26.25 -27.62 6.23
CA PHE B 187 -26.38 -26.33 6.89
C PHE B 187 -27.66 -25.60 6.52
N GLY B 188 -28.67 -26.34 6.07
CA GLY B 188 -29.95 -25.74 5.72
C GLY B 188 -29.91 -25.06 4.35
N THR B 189 -30.83 -24.13 4.18
CA THR B 189 -30.97 -23.36 2.94
C THR B 189 -30.76 -21.87 3.25
N MET B 190 -31.00 -21.03 2.24
CA MET B 190 -30.85 -19.60 2.43
C MET B 190 -31.84 -19.05 3.45
N GLU B 191 -33.02 -19.66 3.55
CA GLU B 191 -33.99 -19.21 4.54
C GLU B 191 -33.57 -19.60 5.95
N ASP B 192 -32.89 -20.74 6.10
CA ASP B 192 -32.39 -21.13 7.41
C ASP B 192 -31.27 -20.20 7.88
N PHE B 193 -30.51 -19.63 6.94
CA PHE B 193 -29.47 -18.68 7.32
C PHE B 193 -30.07 -17.34 7.72
N GLU B 194 -31.11 -16.89 6.99
CA GLU B 194 -31.73 -15.61 7.31
C GLU B 194 -32.41 -15.64 8.67
N ASN B 195 -32.94 -16.80 9.07
CA ASN B 195 -33.53 -16.93 10.39
C ASN B 195 -32.48 -17.03 11.49
N LEU B 196 -31.25 -17.44 11.15
CA LEU B 196 -30.19 -17.54 12.14
C LEU B 196 -29.62 -16.17 12.47
N VAL B 197 -29.34 -15.37 11.44
CA VAL B 197 -28.79 -14.03 11.68
C VAL B 197 -29.83 -13.13 12.35
N ALA B 198 -31.12 -13.32 12.01
CA ALA B 198 -32.16 -12.52 12.65
C ALA B 198 -32.31 -12.87 14.12
N ALA B 199 -32.26 -14.16 14.46
CA ALA B 199 -32.33 -14.56 15.86
C ALA B 199 -31.09 -14.14 16.63
N ILE B 200 -29.95 -14.01 15.95
CA ILE B 200 -28.73 -13.57 16.61
C ILE B 200 -28.83 -12.10 16.99
N HIS B 201 -29.40 -11.27 16.11
CA HIS B 201 -29.53 -9.85 16.39
C HIS B 201 -30.55 -9.59 17.50
N ASP B 202 -31.51 -10.50 17.68
CA ASP B 202 -32.51 -10.32 18.74
C ASP B 202 -31.91 -10.49 20.12
N LYS B 203 -30.87 -11.31 20.26
CA LYS B 203 -30.23 -11.55 21.54
C LYS B 203 -29.01 -10.65 21.76
N GLY B 204 -28.82 -9.62 20.93
CA GLY B 204 -27.72 -8.71 21.09
C GLY B 204 -26.37 -9.25 20.67
N LEU B 205 -26.33 -10.39 19.99
CA LEU B 205 -25.08 -10.98 19.54
C LEU B 205 -24.69 -10.45 18.16
N LYS B 206 -23.46 -10.74 17.76
CA LYS B 206 -22.94 -10.33 16.47
C LYS B 206 -22.46 -11.57 15.70
N LEU B 207 -22.52 -11.48 14.38
CA LEU B 207 -22.16 -12.58 13.49
C LEU B 207 -20.94 -12.22 12.67
N ILE B 208 -20.18 -13.24 12.29
CA ILE B 208 -19.04 -13.11 11.38
C ILE B 208 -18.97 -14.38 10.54
N ILE B 209 -18.79 -14.23 9.24
CA ILE B 209 -18.69 -15.37 8.34
C ILE B 209 -17.32 -15.36 7.67
N ASP B 210 -16.82 -16.55 7.35
CA ASP B 210 -15.54 -16.69 6.68
C ASP B 210 -15.70 -16.42 5.18
N PHE B 211 -14.68 -15.82 4.59
CA PHE B 211 -14.69 -15.47 3.17
C PHE B 211 -13.39 -15.93 2.54
N ILE B 212 -13.49 -16.64 1.42
CA ILE B 212 -12.32 -17.13 0.70
C ILE B 212 -12.30 -16.54 -0.70
N PRO B 213 -11.80 -15.30 -0.88
CA PRO B 213 -11.73 -14.71 -2.21
C PRO B 213 -10.54 -15.16 -3.05
N ASN B 214 -9.61 -15.93 -2.47
CA ASN B 214 -8.40 -16.30 -3.18
C ASN B 214 -8.70 -17.24 -4.35
N HIS B 215 -9.29 -18.38 -4.06
CA HIS B 215 -9.50 -19.42 -5.06
C HIS B 215 -10.97 -19.79 -5.14
N THR B 216 -11.28 -20.67 -6.10
CA THR B 216 -12.62 -21.20 -6.29
C THR B 216 -12.54 -22.71 -6.50
N SER B 217 -13.65 -23.33 -6.88
CA SER B 217 -13.70 -24.76 -7.13
C SER B 217 -13.73 -25.05 -8.63
N ASP B 218 -13.47 -26.31 -8.97
CA ASP B 218 -13.48 -26.71 -10.38
C ASP B 218 -14.89 -26.68 -10.95
N LYS B 219 -15.91 -26.94 -10.13
CA LYS B 219 -17.30 -26.96 -10.57
C LYS B 219 -17.93 -25.57 -10.57
N HIS B 220 -17.15 -24.52 -10.35
CA HIS B 220 -17.69 -23.16 -10.37
C HIS B 220 -18.10 -22.77 -11.78
N ILE B 221 -19.11 -21.91 -11.87
CA ILE B 221 -19.59 -21.46 -13.17
C ILE B 221 -18.57 -20.56 -13.86
N TRP B 222 -17.64 -19.98 -13.10
CA TRP B 222 -16.60 -19.15 -13.70
C TRP B 222 -15.51 -20.00 -14.34
N PHE B 223 -15.14 -21.11 -13.70
CA PHE B 223 -14.10 -21.96 -14.25
C PHE B 223 -14.61 -22.77 -15.44
N GLN B 224 -15.88 -23.21 -15.39
CA GLN B 224 -16.45 -23.93 -16.51
C GLN B 224 -16.60 -23.05 -17.74
N LEU B 225 -16.76 -21.75 -17.54
CA LEU B 225 -16.83 -20.80 -18.65
C LEU B 225 -15.46 -20.27 -19.06
N SER B 226 -14.43 -20.47 -18.24
CA SER B 226 -13.08 -20.02 -18.59
C SER B 226 -12.35 -20.99 -19.49
N ARG B 227 -12.63 -22.29 -19.37
CA ARG B 227 -11.96 -23.28 -20.21
C ARG B 227 -12.43 -23.21 -21.66
N THR B 228 -13.59 -22.63 -21.92
CA THR B 228 -14.12 -22.49 -23.27
C THR B 228 -13.91 -21.10 -23.85
N ARG B 229 -13.30 -20.19 -23.09
CA ARG B 229 -13.06 -18.81 -23.52
C ARG B 229 -14.37 -18.15 -23.94
N THR B 230 -15.33 -18.12 -23.01
CA THR B 230 -16.67 -17.60 -23.27
C THR B 230 -16.78 -16.22 -22.63
N GLY B 231 -16.67 -15.18 -23.46
CA GLY B 231 -16.86 -13.82 -22.99
C GLY B 231 -15.73 -13.31 -22.13
N LYS B 232 -16.09 -12.60 -21.07
CA LYS B 232 -15.12 -11.97 -20.19
C LYS B 232 -14.43 -12.94 -19.25
N TYR B 233 -14.94 -14.17 -19.12
CA TYR B 233 -14.38 -15.14 -18.19
C TYR B 233 -13.13 -15.85 -18.73
N THR B 234 -12.65 -15.46 -19.91
CA THR B 234 -11.48 -16.14 -20.48
C THR B 234 -10.19 -15.81 -19.73
N ASP B 235 -10.16 -14.71 -18.98
CA ASP B 235 -8.99 -14.33 -18.21
C ASP B 235 -9.28 -14.21 -16.72
N TYR B 236 -10.30 -14.92 -16.24
CA TYR B 236 -10.64 -14.90 -14.81
C TYR B 236 -9.66 -15.70 -13.97
N TYR B 237 -8.83 -16.54 -14.59
CA TYR B 237 -7.86 -17.35 -13.88
C TYR B 237 -6.49 -17.17 -14.50
N ILE B 238 -5.45 -17.57 -13.75
CA ILE B 238 -4.07 -17.45 -14.22
C ILE B 238 -3.82 -18.60 -15.19
N TRP B 239 -3.91 -18.31 -16.48
CA TRP B 239 -3.68 -19.31 -17.52
C TRP B 239 -2.35 -19.04 -18.22
N HIS B 240 -1.64 -20.12 -18.55
CA HIS B 240 -0.35 -20.02 -19.21
C HIS B 240 -0.17 -21.22 -20.13
N ASP B 241 0.41 -20.98 -21.29
CA ASP B 241 0.64 -22.02 -22.27
C ASP B 241 1.77 -22.93 -21.82
N CYS B 242 1.48 -24.23 -21.70
CA CYS B 242 2.46 -25.21 -21.27
C CYS B 242 2.45 -26.39 -22.23
N THR B 243 3.56 -27.12 -22.26
CA THR B 243 3.69 -28.32 -23.09
C THR B 243 3.18 -29.52 -22.30
N HIS B 244 2.36 -30.33 -22.97
CA HIS B 244 1.79 -31.53 -22.35
C HIS B 244 1.66 -32.60 -23.44
N GLU B 245 2.65 -33.48 -23.53
CA GLU B 245 2.71 -34.51 -24.55
C GLU B 245 2.25 -35.85 -23.96
N ASN B 246 2.48 -36.93 -24.72
CA ASN B 246 1.93 -38.25 -24.45
C ASN B 246 1.93 -38.62 -22.97
N GLY B 247 3.04 -38.40 -22.27
CA GLY B 247 3.20 -39.00 -20.96
C GLY B 247 2.97 -38.11 -19.76
N LYS B 248 3.41 -36.86 -19.80
CA LYS B 248 3.42 -36.03 -18.59
C LYS B 248 3.45 -34.55 -18.92
N THR B 249 2.87 -33.73 -18.05
CA THR B 249 2.83 -32.29 -18.23
C THR B 249 4.09 -31.65 -17.67
N ILE B 250 4.45 -30.49 -18.24
CA ILE B 250 5.61 -29.73 -17.79
C ILE B 250 5.14 -28.34 -17.37
N PRO B 251 5.31 -27.96 -16.10
CA PRO B 251 4.87 -26.64 -15.66
C PRO B 251 5.80 -25.55 -16.16
N PRO B 252 5.33 -24.32 -16.27
CA PRO B 252 6.22 -23.23 -16.71
C PRO B 252 7.34 -22.94 -15.75
N ASN B 253 7.16 -23.22 -14.46
CA ASN B 253 8.18 -23.00 -13.45
C ASN B 253 8.07 -24.09 -12.39
N ASN B 254 8.96 -24.02 -11.40
CA ASN B 254 8.99 -24.99 -10.31
C ASN B 254 8.10 -24.58 -9.13
N TRP B 255 7.10 -23.74 -9.38
CA TRP B 255 6.20 -23.31 -8.31
C TRP B 255 5.39 -24.49 -7.81
N LEU B 256 5.53 -24.81 -6.53
CA LEU B 256 4.86 -25.94 -5.92
C LEU B 256 3.66 -25.49 -5.11
N SER B 257 2.65 -26.36 -5.02
CA SER B 257 1.48 -26.07 -4.23
C SER B 257 1.74 -26.36 -2.75
N VAL B 258 0.87 -25.83 -1.90
CA VAL B 258 1.02 -26.05 -0.46
C VAL B 258 0.65 -27.48 -0.09
N TYR B 259 -0.18 -28.14 -0.91
CA TYR B 259 -0.67 -29.48 -0.61
C TYR B 259 -0.30 -30.49 -1.69
N GLY B 260 0.89 -30.37 -2.26
CA GLY B 260 1.33 -31.35 -3.24
C GLY B 260 2.36 -30.78 -4.20
N ASN B 261 2.39 -31.35 -5.40
CA ASN B 261 3.39 -31.01 -6.40
C ASN B 261 2.80 -30.00 -7.40
N SER B 262 3.69 -29.44 -8.23
CA SER B 262 3.34 -28.97 -9.56
C SER B 262 2.08 -28.11 -9.57
N SER B 263 2.17 -26.91 -9.00
CA SER B 263 1.02 -26.03 -8.83
C SER B 263 0.50 -25.49 -10.16
N TRP B 264 0.97 -26.04 -11.28
CA TRP B 264 0.41 -25.78 -12.60
C TRP B 264 -0.12 -27.09 -13.15
N HIS B 265 -1.44 -27.17 -13.36
CA HIS B 265 -2.08 -28.37 -13.86
C HIS B 265 -2.63 -28.12 -15.26
N PHE B 266 -2.61 -29.17 -16.09
CA PHE B 266 -3.04 -29.08 -17.48
C PHE B 266 -4.45 -29.64 -17.63
N ASP B 267 -5.27 -28.97 -18.42
CA ASP B 267 -6.60 -29.44 -18.79
C ASP B 267 -6.68 -29.60 -20.30
N GLU B 268 -7.46 -30.58 -20.74
CA GLU B 268 -7.54 -30.90 -22.17
C GLU B 268 -8.56 -30.04 -22.92
N VAL B 269 -9.33 -29.20 -22.24
CA VAL B 269 -10.26 -28.32 -22.93
C VAL B 269 -9.55 -27.07 -23.42
N ARG B 270 -8.98 -26.30 -22.50
CA ARG B 270 -8.29 -25.05 -22.84
C ARG B 270 -6.87 -25.27 -23.32
N ASN B 271 -6.30 -26.46 -23.10
CA ASN B 271 -4.95 -26.80 -23.55
C ASN B 271 -3.90 -25.85 -22.97
N GLN B 272 -4.13 -25.37 -21.75
CA GLN B 272 -3.20 -24.48 -21.07
C GLN B 272 -3.17 -24.83 -19.58
N CYS B 273 -2.04 -24.51 -18.94
CA CYS B 273 -1.90 -24.76 -17.51
C CYS B 273 -2.52 -23.63 -16.71
N TYR B 274 -3.20 -23.99 -15.63
CA TYR B 274 -3.81 -23.03 -14.73
C TYR B 274 -3.14 -23.08 -13.37
N PHE B 275 -3.05 -21.92 -12.73
CA PHE B 275 -2.40 -21.79 -11.43
C PHE B 275 -3.42 -21.96 -10.31
N HIS B 276 -3.16 -22.92 -9.43
CA HIS B 276 -4.07 -23.20 -8.32
C HIS B 276 -3.41 -22.99 -6.97
N GLN B 277 -2.21 -23.52 -6.76
CA GLN B 277 -1.36 -23.29 -5.58
C GLN B 277 -1.88 -23.96 -4.32
N PHE B 278 -3.11 -24.50 -4.34
CA PHE B 278 -3.65 -25.16 -3.16
C PHE B 278 -3.96 -26.63 -3.41
N MET B 279 -4.74 -26.92 -4.45
CA MET B 279 -5.12 -28.30 -4.75
C MET B 279 -5.43 -28.40 -6.25
N LYS B 280 -5.57 -29.64 -6.72
CA LYS B 280 -5.85 -29.87 -8.13
C LYS B 280 -7.20 -29.30 -8.55
N GLU B 281 -8.15 -29.17 -7.62
CA GLU B 281 -9.49 -28.68 -7.90
C GLU B 281 -9.76 -27.36 -7.17
N GLN B 282 -8.75 -26.50 -7.09
CA GLN B 282 -8.88 -25.19 -6.43
C GLN B 282 -8.09 -24.16 -7.22
N PRO B 283 -8.57 -23.79 -8.41
CA PRO B 283 -7.83 -22.83 -9.24
C PRO B 283 -7.81 -21.45 -8.62
N ASP B 284 -6.62 -20.86 -8.54
CA ASP B 284 -6.49 -19.51 -7.98
C ASP B 284 -7.15 -18.49 -8.90
N LEU B 285 -7.99 -17.65 -8.32
CA LEU B 285 -8.72 -16.63 -9.07
C LEU B 285 -7.77 -15.46 -9.34
N ASN B 286 -7.47 -15.22 -10.61
CA ASN B 286 -6.57 -14.13 -11.00
C ASN B 286 -7.14 -12.78 -10.59
N PHE B 287 -6.46 -12.11 -9.66
CA PHE B 287 -6.93 -10.84 -9.13
C PHE B 287 -6.41 -9.64 -9.91
N ARG B 288 -5.48 -9.83 -10.85
CA ARG B 288 -5.02 -8.72 -11.67
C ARG B 288 -6.05 -8.29 -12.71
N ASN B 289 -7.12 -9.05 -12.89
CA ASN B 289 -8.20 -8.67 -13.79
C ASN B 289 -9.15 -7.72 -13.08
N PRO B 290 -9.34 -6.51 -13.62
CA PRO B 290 -10.24 -5.54 -12.99
C PRO B 290 -11.67 -6.05 -12.84
N ASP B 291 -12.05 -7.02 -13.68
CA ASP B 291 -13.39 -7.58 -13.63
C ASP B 291 -13.55 -8.50 -12.43
N VAL B 292 -12.49 -9.27 -12.16
CA VAL B 292 -12.48 -10.22 -11.05
C VAL B 292 -12.46 -9.48 -9.72
N GLN B 293 -11.67 -8.41 -9.62
CA GLN B 293 -11.63 -7.62 -8.39
C GLN B 293 -12.97 -6.97 -8.10
N GLU B 294 -13.75 -6.66 -9.14
CA GLU B 294 -15.07 -6.08 -8.94
C GLU B 294 -16.11 -7.15 -8.65
N GLU B 295 -15.92 -8.38 -9.15
CA GLU B 295 -16.85 -9.45 -8.85
C GLU B 295 -16.81 -9.84 -7.38
N ILE B 296 -15.65 -9.70 -6.73
CA ILE B 296 -15.56 -9.99 -5.30
C ILE B 296 -16.33 -8.95 -4.51
N LYS B 297 -16.40 -7.71 -5.00
CA LYS B 297 -17.18 -6.68 -4.31
C LYS B 297 -18.66 -7.02 -4.29
N GLU B 298 -19.17 -7.60 -5.39
CA GLU B 298 -20.58 -7.98 -5.43
C GLU B 298 -20.88 -9.12 -4.47
N ILE B 299 -19.91 -10.01 -4.23
CA ILE B 299 -20.11 -11.08 -3.26
C ILE B 299 -20.10 -10.52 -1.85
N LEU B 300 -19.25 -9.53 -1.58
CA LEU B 300 -19.22 -8.91 -0.26
C LEU B 300 -20.50 -8.14 0.02
N ARG B 301 -20.97 -7.35 -0.95
CA ARG B 301 -22.19 -6.60 -0.75
C ARG B 301 -23.42 -7.50 -0.66
N PHE B 302 -23.34 -8.71 -1.24
CA PHE B 302 -24.47 -9.63 -1.18
C PHE B 302 -24.74 -10.09 0.25
N TRP B 303 -23.68 -10.47 0.97
CA TRP B 303 -23.85 -10.92 2.34
C TRP B 303 -24.01 -9.76 3.31
N LEU B 304 -23.47 -8.59 2.99
CA LEU B 304 -23.62 -7.44 3.87
C LEU B 304 -25.06 -6.96 3.93
N THR B 305 -25.81 -7.09 2.83
CA THR B 305 -27.23 -6.75 2.87
C THR B 305 -28.02 -7.75 3.71
N LYS B 306 -27.56 -9.01 3.77
CA LYS B 306 -28.20 -9.99 4.62
C LYS B 306 -27.97 -9.71 6.10
N GLY B 307 -26.93 -8.97 6.44
CA GLY B 307 -26.63 -8.65 7.82
C GLY B 307 -25.60 -9.52 8.49
N VAL B 308 -24.61 -10.02 7.75
CA VAL B 308 -23.60 -10.90 8.33
C VAL B 308 -22.69 -10.17 9.32
N ASP B 309 -22.72 -8.84 9.35
CA ASP B 309 -22.01 -8.05 10.35
C ASP B 309 -20.51 -8.31 10.34
N GLY B 310 -19.93 -8.34 9.15
CA GLY B 310 -18.50 -8.47 8.98
C GLY B 310 -18.10 -9.76 8.28
N PHE B 311 -16.84 -9.80 7.88
CA PHE B 311 -16.26 -10.93 7.18
C PHE B 311 -14.97 -11.36 7.88
N SER B 312 -14.36 -12.43 7.38
CA SER B 312 -13.09 -12.92 7.89
C SER B 312 -12.37 -13.61 6.73
N LEU B 313 -11.45 -12.87 6.09
CA LEU B 313 -10.73 -13.41 4.95
C LEU B 313 -9.86 -14.58 5.37
N ASP B 314 -9.77 -15.59 4.49
CA ASP B 314 -9.05 -16.82 4.79
C ASP B 314 -7.61 -16.78 4.30
N ALA B 315 -7.40 -16.58 3.00
CA ALA B 315 -6.06 -16.57 2.39
C ALA B 315 -5.85 -15.23 1.73
N VAL B 316 -5.09 -14.35 2.40
CA VAL B 316 -4.81 -13.01 1.89
C VAL B 316 -3.44 -12.96 1.22
N LYS B 317 -2.45 -13.66 1.77
CA LYS B 317 -1.10 -13.62 1.24
C LYS B 317 -0.94 -14.42 -0.04
N PHE B 318 -1.95 -15.18 -0.45
CA PHE B 318 -1.91 -15.95 -1.69
C PHE B 318 -2.72 -15.30 -2.80
N LEU B 319 -3.12 -14.04 -2.64
CA LEU B 319 -3.96 -13.39 -3.64
C LEU B 319 -3.20 -13.13 -4.92
N LEU B 320 -2.13 -12.35 -4.85
CA LEU B 320 -1.37 -11.96 -6.03
C LEU B 320 -0.06 -12.76 -6.12
N GLU B 321 0.37 -12.99 -7.34
CA GLU B 321 1.63 -13.67 -7.64
C GLU B 321 2.47 -12.78 -8.54
N ALA B 322 3.72 -13.21 -8.78
CA ALA B 322 4.62 -12.47 -9.64
C ALA B 322 4.25 -12.68 -11.09
N LYS B 323 4.19 -11.58 -11.85
CA LYS B 323 3.87 -11.69 -13.27
C LYS B 323 4.98 -12.39 -14.05
N HIS B 324 6.23 -12.22 -13.63
CA HIS B 324 7.36 -12.90 -14.26
C HIS B 324 7.44 -14.32 -13.72
N LEU B 325 7.09 -15.30 -14.56
CA LEU B 325 7.06 -16.71 -14.15
C LEU B 325 8.48 -17.24 -14.06
N ARG B 326 9.17 -16.81 -13.01
CA ARG B 326 10.54 -17.22 -12.74
C ARG B 326 10.57 -18.27 -11.63
N ASP B 327 11.62 -19.08 -11.64
CA ASP B 327 11.75 -20.15 -10.66
C ASP B 327 12.10 -19.59 -9.30
N GLU B 328 11.51 -20.19 -8.26
CA GLU B 328 11.78 -19.77 -6.90
C GLU B 328 13.15 -20.26 -6.45
N ILE B 329 13.68 -19.60 -5.42
CA ILE B 329 14.99 -19.97 -4.88
C ILE B 329 14.83 -21.19 -3.98
N GLN B 330 15.62 -22.22 -4.25
CA GLN B 330 15.57 -23.44 -3.47
C GLN B 330 16.36 -23.29 -2.17
N VAL B 331 15.86 -23.94 -1.12
CA VAL B 331 16.57 -23.91 0.15
C VAL B 331 17.88 -24.69 0.05
N ASN B 332 17.86 -25.81 -0.67
CA ASN B 332 19.04 -26.63 -0.91
C ASN B 332 19.57 -26.28 -2.29
N LYS B 333 20.69 -25.56 -2.34
CA LYS B 333 21.24 -25.12 -3.62
C LYS B 333 21.80 -26.31 -4.41
N THR B 334 22.41 -27.28 -3.72
CA THR B 334 22.97 -28.45 -4.37
C THR B 334 21.92 -29.49 -4.71
N GLN B 335 20.65 -29.23 -4.43
CA GLN B 335 19.59 -30.19 -4.69
C GLN B 335 19.35 -30.33 -6.19
N ILE B 336 19.15 -31.56 -6.63
CA ILE B 336 18.90 -31.82 -8.06
C ILE B 336 17.49 -31.41 -8.41
N PRO B 337 17.26 -30.76 -9.56
CA PRO B 337 15.88 -30.51 -10.01
C PRO B 337 15.13 -31.80 -10.35
N ASP B 338 13.88 -31.66 -10.78
CA ASP B 338 12.96 -32.77 -11.02
C ASP B 338 12.73 -33.61 -9.77
N THR B 339 13.06 -33.08 -8.59
CA THR B 339 12.85 -33.78 -7.33
C THR B 339 12.17 -32.92 -6.26
N VAL B 340 12.24 -31.60 -6.36
CA VAL B 340 11.63 -30.72 -5.37
C VAL B 340 10.12 -30.78 -5.50
N THR B 341 9.46 -31.47 -4.56
CA THR B 341 8.02 -31.63 -4.57
C THR B 341 7.37 -31.25 -3.24
N GLN B 342 8.13 -30.67 -2.31
CA GLN B 342 7.62 -30.28 -1.01
C GLN B 342 7.59 -28.76 -0.91
N TYR B 343 6.51 -28.26 -0.29
CA TYR B 343 6.35 -26.81 -0.12
C TYR B 343 7.36 -26.24 0.88
N SER B 344 7.97 -27.08 1.70
CA SER B 344 8.91 -26.58 2.71
C SER B 344 10.29 -26.31 2.14
N GLU B 345 10.73 -27.10 1.16
CA GLU B 345 12.06 -26.95 0.58
C GLU B 345 12.06 -25.98 -0.60
N LEU B 346 11.52 -24.78 -0.38
CA LEU B 346 11.45 -23.76 -1.42
C LEU B 346 11.13 -22.39 -0.82
N TYR B 347 11.92 -21.38 -1.18
CA TYR B 347 11.67 -20.02 -0.72
C TYR B 347 10.60 -19.39 -1.61
N HIS B 348 9.47 -19.03 -1.01
CA HIS B 348 8.32 -18.51 -1.75
C HIS B 348 8.35 -16.98 -1.70
N ASP B 349 9.15 -16.41 -2.59
CA ASP B 349 9.27 -14.96 -2.71
C ASP B 349 8.46 -14.39 -3.87
N PHE B 350 7.92 -15.24 -4.74
CA PHE B 350 7.15 -14.79 -5.89
C PHE B 350 5.69 -15.21 -5.84
N THR B 351 5.28 -15.97 -4.83
CA THR B 351 3.91 -16.43 -4.71
C THR B 351 3.25 -16.05 -3.39
N THR B 352 3.92 -15.25 -2.55
CA THR B 352 3.38 -14.87 -1.26
C THR B 352 3.79 -13.43 -0.96
N THR B 353 2.80 -12.61 -0.59
CA THR B 353 3.01 -11.21 -0.20
C THR B 353 3.71 -10.44 -1.33
N GLN B 354 3.01 -10.32 -2.45
CA GLN B 354 3.51 -9.58 -3.60
C GLN B 354 3.13 -8.11 -3.52
N VAL B 355 3.73 -7.31 -4.39
CA VAL B 355 3.45 -5.88 -4.42
C VAL B 355 2.05 -5.67 -4.97
N GLY B 356 1.21 -4.99 -4.19
CA GLY B 356 -0.18 -4.76 -4.55
C GLY B 356 -1.16 -5.67 -3.84
N MET B 357 -0.67 -6.65 -3.08
CA MET B 357 -1.57 -7.54 -2.35
C MET B 357 -2.31 -6.79 -1.24
N HIS B 358 -1.61 -5.91 -0.54
CA HIS B 358 -2.25 -5.14 0.52
C HIS B 358 -3.26 -4.13 -0.05
N ASP B 359 -2.99 -3.60 -1.23
CA ASP B 359 -3.92 -2.66 -1.85
C ASP B 359 -5.27 -3.32 -2.15
N ILE B 360 -5.26 -4.62 -2.46
CA ILE B 360 -6.51 -5.34 -2.62
C ILE B 360 -7.22 -5.49 -1.28
N VAL B 361 -6.45 -5.73 -0.22
CA VAL B 361 -7.03 -5.79 1.12
C VAL B 361 -7.52 -4.41 1.55
N ARG B 362 -6.82 -3.35 1.14
CA ARG B 362 -7.28 -2.00 1.43
C ARG B 362 -8.59 -1.68 0.72
N SER B 363 -8.81 -2.27 -0.46
CA SER B 363 -10.05 -2.04 -1.19
C SER B 363 -11.21 -2.81 -0.61
N PHE B 364 -10.94 -3.94 0.05
CA PHE B 364 -12.02 -4.70 0.70
C PHE B 364 -12.63 -3.91 1.84
N ARG B 365 -11.82 -3.19 2.61
CA ARG B 365 -12.33 -2.36 3.69
C ARG B 365 -13.12 -1.17 3.14
N GLN B 366 -12.67 -0.61 2.01
CA GLN B 366 -13.38 0.52 1.42
C GLN B 366 -14.77 0.12 0.95
N THR B 367 -14.95 -1.12 0.50
CA THR B 367 -16.27 -1.59 0.10
C THR B 367 -17.16 -1.81 1.31
N MET B 368 -16.62 -2.40 2.37
CA MET B 368 -17.39 -2.62 3.59
C MET B 368 -17.65 -1.32 4.35
N ASP B 369 -16.88 -0.27 4.08
CA ASP B 369 -17.09 1.01 4.75
C ASP B 369 -18.41 1.66 4.35
N GLN B 370 -18.96 1.31 3.18
CA GLN B 370 -20.23 1.86 2.76
C GLN B 370 -21.39 1.35 3.60
N TYR B 371 -21.24 0.19 4.24
CA TYR B 371 -22.27 -0.38 5.10
C TYR B 371 -22.02 -0.11 6.57
N SER B 372 -20.93 0.57 6.92
CA SER B 372 -20.59 0.88 8.30
C SER B 372 -20.92 2.33 8.67
N THR B 373 -21.72 3.01 7.85
CA THR B 373 -22.09 4.39 8.13
C THR B 373 -23.04 4.50 9.31
N GLU B 374 -23.73 3.42 9.66
CA GLU B 374 -24.62 3.45 10.81
C GLU B 374 -23.81 3.50 12.10
N PRO B 375 -24.34 4.15 13.14
CA PRO B 375 -23.57 4.27 14.39
C PRO B 375 -23.39 2.95 15.11
N GLY B 376 -24.34 2.02 15.02
CA GLY B 376 -24.24 0.77 15.72
C GLY B 376 -23.89 -0.41 14.84
N ARG B 377 -24.03 -0.23 13.52
CA ARG B 377 -23.78 -1.30 12.56
C ARG B 377 -22.40 -1.08 11.93
N TYR B 378 -21.38 -1.58 12.62
CA TYR B 378 -20.01 -1.53 12.13
C TYR B 378 -19.60 -2.88 11.56
N ARG B 379 -18.75 -2.84 10.53
CA ARG B 379 -18.32 -4.04 9.81
C ARG B 379 -16.89 -4.38 10.21
N PHE B 380 -16.68 -5.64 10.59
CA PHE B 380 -15.37 -6.14 10.95
C PHE B 380 -14.74 -6.87 9.76
N MET B 381 -13.42 -6.79 9.65
CA MET B 381 -12.68 -7.46 8.60
C MET B 381 -11.40 -8.04 9.17
N GLY B 382 -11.23 -9.34 9.04
CA GLY B 382 -10.04 -10.03 9.50
C GLY B 382 -9.27 -10.63 8.33
N THR B 383 -7.94 -10.60 8.45
CA THR B 383 -7.09 -11.10 7.37
C THR B 383 -6.75 -12.57 7.52
N GLU B 384 -6.41 -13.01 8.74
CA GLU B 384 -6.10 -14.40 9.05
C GLU B 384 -4.96 -14.92 8.16
N ALA B 385 -3.80 -14.30 8.35
CA ALA B 385 -2.58 -14.69 7.64
C ALA B 385 -1.75 -15.57 8.57
N TYR B 386 -1.69 -16.86 8.27
CA TYR B 386 -1.00 -17.83 9.10
C TYR B 386 0.33 -18.23 8.47
N ALA B 387 1.17 -18.86 9.31
CA ALA B 387 2.47 -19.38 8.88
C ALA B 387 3.35 -18.30 8.27
N GLU B 388 3.65 -17.29 9.08
CA GLU B 388 4.51 -16.19 8.66
C GLU B 388 5.12 -15.55 9.88
N SER B 389 6.07 -14.64 9.65
CA SER B 389 6.76 -13.97 10.74
C SER B 389 5.86 -12.91 11.38
N ILE B 390 6.38 -12.31 12.44
CA ILE B 390 5.57 -11.34 13.19
C ILE B 390 5.55 -9.98 12.50
N ASP B 391 6.62 -9.60 11.79
CA ASP B 391 6.64 -8.31 11.12
C ASP B 391 5.70 -8.28 9.92
N ARG B 392 5.41 -9.44 9.32
CA ARG B 392 4.50 -9.48 8.20
C ARG B 392 3.04 -9.53 8.66
N THR B 393 2.78 -10.04 9.87
CA THR B 393 1.41 -10.11 10.37
C THR B 393 0.92 -8.74 10.82
N VAL B 394 1.79 -7.95 11.45
CA VAL B 394 1.40 -6.62 11.92
C VAL B 394 1.21 -5.63 10.79
N MET B 395 1.63 -5.97 9.57
CA MET B 395 1.43 -5.08 8.43
C MET B 395 -0.05 -5.01 8.03
N TYR B 396 -0.85 -5.98 8.42
CA TYR B 396 -2.28 -5.97 8.12
C TYR B 396 -3.06 -5.02 9.02
N TYR B 397 -2.44 -4.51 10.09
CA TYR B 397 -3.11 -3.54 10.94
C TYR B 397 -3.38 -2.23 10.22
N GLY B 398 -2.59 -1.91 9.19
CA GLY B 398 -2.76 -0.67 8.45
C GLY B 398 -1.81 0.41 8.92
N LEU B 399 -1.95 1.57 8.31
CA LEU B 399 -1.15 2.75 8.60
C LEU B 399 -2.00 3.81 9.30
N PRO B 400 -1.37 4.73 10.03
CA PRO B 400 -2.15 5.76 10.74
C PRO B 400 -2.95 6.68 9.82
N PHE B 401 -2.76 6.61 8.51
CA PHE B 401 -3.50 7.44 7.57
C PHE B 401 -4.33 6.65 6.57
N ILE B 402 -4.34 5.32 6.66
CA ILE B 402 -5.16 4.49 5.78
C ILE B 402 -5.54 3.22 6.53
N GLN B 403 -6.82 2.93 6.59
CA GLN B 403 -7.33 1.77 7.32
C GLN B 403 -7.35 0.55 6.40
N GLU B 404 -6.81 -0.56 6.91
CA GLU B 404 -6.77 -1.81 6.18
C GLU B 404 -7.65 -2.87 6.82
N ALA B 405 -7.44 -3.16 8.11
CA ALA B 405 -8.23 -4.15 8.82
C ALA B 405 -8.20 -3.82 10.31
N ASP B 406 -9.18 -4.35 11.03
CA ASP B 406 -9.25 -4.13 12.48
C ASP B 406 -8.08 -4.79 13.19
N PHE B 407 -7.94 -6.11 13.04
CA PHE B 407 -6.77 -6.80 13.56
C PHE B 407 -6.61 -8.13 12.83
N PRO B 408 -5.38 -8.56 12.55
CA PRO B 408 -5.18 -9.92 12.04
C PRO B 408 -5.31 -10.95 13.14
N PHE B 409 -5.84 -12.11 12.76
CA PHE B 409 -6.06 -13.18 13.74
C PHE B 409 -4.72 -13.71 14.24
N ASN B 410 -4.55 -13.70 15.56
CA ASN B 410 -3.28 -14.08 16.18
C ASN B 410 -3.10 -15.59 16.09
N ASN B 411 -2.29 -16.04 15.12
CA ASN B 411 -2.03 -17.46 14.97
C ASN B 411 -1.18 -18.02 16.12
N TYR B 412 -0.43 -17.16 16.81
CA TYR B 412 0.41 -17.61 17.90
C TYR B 412 -0.45 -18.09 19.08
N LEU B 413 0.21 -18.72 20.05
CA LEU B 413 -0.38 -19.39 21.20
C LEU B 413 -1.17 -20.64 20.81
N SER B 414 -1.22 -20.98 19.51
CA SER B 414 -1.87 -22.20 19.04
C SER B 414 -0.90 -23.24 18.53
N MET B 415 0.18 -22.82 17.86
CA MET B 415 1.19 -23.74 17.39
C MET B 415 2.13 -24.17 18.52
N LEU B 416 2.00 -23.54 19.69
CA LEU B 416 2.85 -23.88 20.83
C LEU B 416 2.38 -25.19 21.45
N ASP B 417 3.22 -26.22 21.33
CA ASP B 417 2.90 -27.53 21.89
C ASP B 417 3.31 -27.65 23.34
N THR B 418 4.56 -27.30 23.67
CA THR B 418 5.07 -27.33 25.03
C THR B 418 5.12 -25.90 25.56
N VAL B 419 4.38 -25.64 26.63
CA VAL B 419 4.27 -24.30 27.20
C VAL B 419 5.12 -24.24 28.46
N SER B 420 5.83 -23.13 28.63
CA SER B 420 6.63 -22.87 29.82
C SER B 420 6.55 -21.38 30.12
N GLY B 421 7.37 -20.92 31.05
CA GLY B 421 7.39 -19.50 31.39
C GLY B 421 7.95 -18.64 30.28
N ASN B 422 8.92 -19.14 29.53
CA ASN B 422 9.57 -18.38 28.49
C ASN B 422 8.87 -18.44 27.14
N SER B 423 8.26 -19.58 26.80
CA SER B 423 7.55 -19.69 25.53
C SER B 423 6.30 -18.83 25.52
N VAL B 424 5.58 -18.78 26.64
CA VAL B 424 4.36 -17.98 26.71
C VAL B 424 4.70 -16.50 26.77
N TYR B 425 5.77 -16.14 27.48
CA TYR B 425 6.16 -14.73 27.60
C TYR B 425 6.64 -14.18 26.27
N GLU B 426 7.36 -15.00 25.48
CA GLU B 426 7.87 -14.54 24.19
C GLU B 426 6.73 -14.26 23.22
N VAL B 427 5.67 -15.07 23.26
CA VAL B 427 4.54 -14.88 22.36
C VAL B 427 3.81 -13.58 22.67
N ILE B 428 3.59 -13.30 23.95
CA ILE B 428 2.86 -12.09 24.34
C ILE B 428 3.65 -10.85 23.99
N THR B 429 4.97 -10.86 24.21
CA THR B 429 5.79 -9.69 23.93
C THR B 429 6.03 -9.51 22.44
N SER B 430 5.99 -10.61 21.67
CA SER B 430 6.20 -10.50 20.22
C SER B 430 5.06 -9.76 19.55
N TRP B 431 3.84 -9.87 20.09
CA TRP B 431 2.69 -9.20 19.48
C TRP B 431 2.56 -7.76 19.95
N MET B 432 2.82 -7.51 21.24
CA MET B 432 2.62 -6.17 21.78
C MET B 432 3.72 -5.21 21.35
N GLU B 433 4.91 -5.72 21.05
CA GLU B 433 6.02 -4.86 20.64
C GLU B 433 6.03 -4.56 19.15
N ASN B 434 5.46 -5.43 18.33
CA ASN B 434 5.43 -5.23 16.89
C ASN B 434 4.16 -4.55 16.41
N MET B 435 3.09 -4.57 17.20
CA MET B 435 1.84 -3.97 16.78
C MET B 435 1.90 -2.45 16.92
N PRO B 436 1.44 -1.70 15.93
CA PRO B 436 1.39 -0.24 16.08
C PRO B 436 0.43 0.16 17.18
N GLU B 437 0.71 1.30 17.80
CA GLU B 437 -0.06 1.75 18.95
C GLU B 437 -1.41 2.32 18.52
N GLY B 438 -2.42 2.16 19.38
CA GLY B 438 -3.77 2.54 19.05
C GLY B 438 -4.58 1.45 18.38
N LYS B 439 -3.95 0.35 18.00
CA LYS B 439 -4.64 -0.80 17.42
C LYS B 439 -5.11 -1.73 18.53
N TRP B 440 -6.02 -2.64 18.17
CA TRP B 440 -6.56 -3.59 19.12
C TRP B 440 -5.98 -4.98 18.86
N PRO B 441 -5.23 -5.56 19.80
CA PRO B 441 -4.69 -6.91 19.57
C PRO B 441 -5.76 -7.98 19.71
N ASN B 442 -5.34 -9.25 19.63
CA ASN B 442 -6.26 -10.37 19.76
C ASN B 442 -5.46 -11.61 20.13
N TRP B 443 -6.19 -12.64 20.58
CA TRP B 443 -5.55 -13.88 20.99
C TRP B 443 -6.56 -15.02 20.85
N MET B 444 -6.07 -16.17 20.40
CA MET B 444 -6.89 -17.39 20.32
C MET B 444 -6.00 -18.58 20.65
N ILE B 445 -6.49 -19.44 21.55
CA ILE B 445 -5.67 -20.56 22.00
C ILE B 445 -5.73 -21.71 20.99
N GLY B 446 -6.89 -21.94 20.39
CA GLY B 446 -7.05 -23.02 19.44
C GLY B 446 -7.92 -22.60 18.27
N GLY B 447 -8.03 -23.49 17.30
CA GLY B 447 -8.81 -23.25 16.12
C GLY B 447 -9.11 -24.52 15.36
N PRO B 448 -9.68 -24.39 14.15
CA PRO B 448 -9.99 -25.59 13.37
C PRO B 448 -8.75 -26.33 12.90
N ASP B 449 -7.75 -25.62 12.39
CA ASP B 449 -6.52 -26.25 11.89
C ASP B 449 -5.46 -26.31 12.98
N SER B 450 -5.81 -26.88 14.13
CA SER B 450 -4.89 -27.01 15.24
C SER B 450 -5.44 -28.05 16.22
N SER B 451 -4.55 -28.65 16.99
CA SER B 451 -4.96 -29.64 17.97
C SER B 451 -5.70 -28.98 19.13
N ARG B 452 -6.45 -29.80 19.87
CA ARG B 452 -7.20 -29.29 21.01
C ARG B 452 -6.26 -28.86 22.13
N LEU B 453 -6.81 -28.12 23.08
CA LEU B 453 -6.00 -27.59 24.17
C LEU B 453 -5.53 -28.70 25.11
N THR B 454 -6.47 -29.55 25.55
CA THR B 454 -6.11 -30.63 26.47
C THR B 454 -5.34 -31.75 25.78
N SER B 455 -5.40 -31.83 24.45
CA SER B 455 -4.65 -32.85 23.73
C SER B 455 -3.25 -32.39 23.34
N ARG B 456 -3.02 -31.08 23.25
CA ARG B 456 -1.70 -30.54 22.94
C ARG B 456 -0.92 -30.12 24.17
N LEU B 457 -1.61 -29.61 25.20
CA LEU B 457 -0.97 -29.16 26.43
C LEU B 457 -1.26 -30.07 27.61
N GLY B 458 -2.50 -30.52 27.77
CA GLY B 458 -2.87 -31.36 28.89
C GLY B 458 -4.12 -30.88 29.60
N ASN B 459 -4.76 -31.77 30.36
CA ASN B 459 -5.97 -31.39 31.07
C ASN B 459 -5.70 -30.41 32.22
N GLN B 460 -4.46 -30.37 32.71
CA GLN B 460 -4.11 -29.44 33.78
C GLN B 460 -3.96 -28.00 33.28
N TYR B 461 -3.67 -27.81 32.00
CA TYR B 461 -3.48 -26.49 31.43
C TYR B 461 -4.76 -25.90 30.84
N VAL B 462 -5.89 -26.59 30.96
CA VAL B 462 -7.13 -26.08 30.40
C VAL B 462 -7.60 -24.85 31.16
N ASN B 463 -7.44 -24.86 32.49
CA ASN B 463 -7.92 -23.76 33.30
C ASN B 463 -7.01 -22.55 33.23
N VAL B 464 -5.70 -22.76 33.20
CA VAL B 464 -4.77 -21.64 33.20
C VAL B 464 -4.72 -20.95 31.84
N MET B 465 -4.93 -21.68 30.75
CA MET B 465 -4.92 -21.06 29.43
C MET B 465 -6.19 -20.25 29.18
N ASN B 466 -7.31 -20.65 29.80
CA ASN B 466 -8.53 -19.88 29.66
C ASN B 466 -8.45 -18.54 30.37
N MET B 467 -7.71 -18.47 31.49
CA MET B 467 -7.52 -17.20 32.19
C MET B 467 -6.61 -16.29 31.40
N LEU B 468 -5.55 -16.84 30.79
CA LEU B 468 -4.65 -16.03 29.98
C LEU B 468 -5.38 -15.41 28.80
N LEU B 469 -6.38 -16.11 28.25
CA LEU B 469 -7.11 -15.56 27.11
C LEU B 469 -7.96 -14.35 27.49
N PHE B 470 -8.47 -14.32 28.73
CA PHE B 470 -9.36 -13.25 29.17
C PHE B 470 -8.65 -12.16 29.96
N THR B 471 -7.39 -12.36 30.34
CA THR B 471 -6.65 -11.37 31.09
C THR B 471 -5.72 -10.54 30.21
N LEU B 472 -5.77 -10.75 28.89
CA LEU B 472 -4.96 -10.01 27.93
C LEU B 472 -5.76 -8.87 27.32
N PRO B 473 -5.10 -7.80 26.88
CA PRO B 473 -5.84 -6.64 26.36
C PRO B 473 -6.59 -6.93 25.07
N GLY B 474 -6.16 -7.93 24.30
CA GLY B 474 -6.78 -8.24 23.04
C GLY B 474 -8.17 -8.83 23.20
N THR B 475 -8.82 -9.04 22.05
CA THR B 475 -10.14 -9.65 22.02
C THR B 475 -9.99 -11.15 22.15
N PRO B 476 -10.46 -11.78 23.23
CA PRO B 476 -10.31 -13.23 23.37
C PRO B 476 -11.19 -13.96 22.37
N ILE B 477 -10.58 -14.89 21.63
CA ILE B 477 -11.26 -15.71 20.64
C ILE B 477 -11.22 -17.15 21.11
N THR B 478 -12.38 -17.76 21.26
CA THR B 478 -12.50 -19.12 21.80
C THR B 478 -13.05 -20.05 20.72
N TYR B 479 -12.38 -21.19 20.56
CA TYR B 479 -12.87 -22.22 19.65
C TYR B 479 -14.07 -22.94 20.26
N TYR B 480 -14.87 -23.58 19.41
CA TYR B 480 -16.01 -24.34 19.89
C TYR B 480 -15.53 -25.55 20.68
N GLY B 481 -16.17 -25.80 21.82
CA GLY B 481 -15.76 -26.86 22.70
C GLY B 481 -14.49 -26.59 23.47
N GLU B 482 -13.96 -25.37 23.40
CA GLU B 482 -12.73 -25.03 24.12
C GLU B 482 -12.99 -24.56 25.54
N GLU B 483 -14.20 -24.04 25.82
CA GLU B 483 -14.53 -23.63 27.18
C GLU B 483 -14.42 -24.78 28.16
N ILE B 484 -14.75 -25.99 27.71
CA ILE B 484 -14.55 -27.20 28.49
C ILE B 484 -13.37 -27.97 27.89
N GLY B 485 -12.94 -29.00 28.60
CA GLY B 485 -11.81 -29.80 28.14
C GLY B 485 -12.24 -30.92 27.21
N MET B 486 -12.15 -30.69 25.91
CA MET B 486 -12.52 -31.67 24.90
C MET B 486 -11.27 -32.18 24.21
N GLY B 487 -11.03 -33.49 24.30
CA GLY B 487 -9.85 -34.08 23.72
C GLY B 487 -10.01 -34.39 22.24
N ASN B 488 -8.87 -34.67 21.60
CA ASN B 488 -8.86 -35.02 20.19
C ASN B 488 -9.36 -36.44 19.99
N ILE B 489 -9.72 -36.74 18.74
CA ILE B 489 -10.19 -38.07 18.36
C ILE B 489 -9.23 -38.65 17.34
N VAL B 490 -9.29 -39.97 17.19
CA VAL B 490 -8.43 -40.65 16.23
C VAL B 490 -8.92 -40.36 14.81
N ALA B 491 -8.01 -40.47 13.86
CA ALA B 491 -8.33 -40.17 12.46
C ALA B 491 -9.15 -41.31 11.86
N ALA B 492 -10.36 -40.99 11.41
CA ALA B 492 -11.24 -41.96 10.77
C ALA B 492 -11.16 -41.83 9.25
N ASN B 493 -11.47 -42.93 8.57
CA ASN B 493 -11.43 -42.98 7.11
C ASN B 493 -12.80 -42.59 6.58
N LEU B 494 -12.93 -41.34 6.12
CA LEU B 494 -14.18 -40.82 5.58
C LEU B 494 -14.15 -40.90 4.06
N ASN B 495 -15.31 -41.18 3.48
CA ASN B 495 -15.41 -41.30 2.03
C ASN B 495 -15.27 -39.95 1.33
N GLU B 496 -15.56 -38.86 2.04
CA GLU B 496 -15.43 -37.52 1.50
C GLU B 496 -13.98 -37.06 1.53
N SER B 497 -13.64 -36.14 0.64
CA SER B 497 -12.29 -35.62 0.52
C SER B 497 -12.00 -34.70 1.70
N TYR B 498 -11.42 -35.25 2.76
CA TYR B 498 -11.10 -34.49 3.96
C TYR B 498 -9.65 -34.75 4.36
N ASP B 499 -9.04 -33.76 4.98
CA ASP B 499 -7.68 -33.90 5.46
C ASP B 499 -7.64 -34.85 6.66
N ILE B 500 -6.78 -35.86 6.60
CA ILE B 500 -6.64 -36.79 7.71
C ILE B 500 -6.16 -36.06 8.96
N ASN B 501 -5.09 -35.27 8.82
CA ASN B 501 -4.64 -34.43 9.91
C ASN B 501 -5.56 -33.21 10.03
N THR B 502 -5.47 -32.54 11.19
CA THR B 502 -6.28 -31.39 11.55
C THR B 502 -7.78 -31.71 11.57
N LEU B 503 -8.15 -32.98 11.46
CA LEU B 503 -9.54 -33.41 11.56
C LEU B 503 -9.94 -33.78 12.98
N ARG B 504 -8.96 -34.01 13.86
CA ARG B 504 -9.25 -34.35 15.25
C ARG B 504 -9.96 -33.23 15.98
N SER B 505 -9.84 -31.99 15.52
CA SER B 505 -10.51 -30.86 16.14
C SER B 505 -11.93 -30.65 15.65
N LYS B 506 -12.37 -31.40 14.64
CA LYS B 506 -13.70 -31.28 14.09
C LYS B 506 -14.71 -32.21 14.76
N SER B 507 -14.39 -32.69 15.96
CA SER B 507 -15.29 -33.60 16.65
C SER B 507 -16.58 -32.88 17.04
N PRO B 508 -17.72 -33.58 17.03
CA PRO B 508 -18.99 -32.93 17.36
C PRO B 508 -18.99 -32.43 18.80
N MET B 509 -19.78 -31.39 19.04
CA MET B 509 -19.86 -30.78 20.37
C MET B 509 -20.57 -31.74 21.33
N GLN B 510 -19.98 -31.92 22.51
CA GLN B 510 -20.55 -32.80 23.54
C GLN B 510 -21.55 -31.99 24.36
N TRP B 511 -22.84 -32.16 24.03
CA TRP B 511 -23.90 -31.42 24.71
C TRP B 511 -24.42 -32.19 25.93
N ASP B 512 -24.92 -33.40 25.70
CA ASP B 512 -25.48 -34.24 26.75
C ASP B 512 -24.66 -35.52 26.88
N ASN B 513 -25.14 -36.45 27.70
CA ASN B 513 -24.56 -37.78 27.82
C ASN B 513 -25.40 -38.85 27.11
N SER B 514 -26.29 -38.43 26.21
CA SER B 514 -27.10 -39.35 25.44
C SER B 514 -26.30 -39.88 24.25
N SER B 515 -26.98 -40.53 23.32
CA SER B 515 -26.31 -41.06 22.14
C SER B 515 -25.65 -39.96 21.34
N ASN B 516 -24.40 -40.18 20.94
CA ASN B 516 -23.60 -39.19 20.20
C ASN B 516 -23.45 -37.89 20.98
N ALA B 517 -23.44 -37.98 22.32
CA ALA B 517 -23.28 -36.83 23.22
C ALA B 517 -24.32 -35.75 22.97
N GLY B 518 -25.52 -36.14 22.56
CA GLY B 518 -26.58 -35.19 22.31
C GLY B 518 -26.38 -34.30 21.12
N PHE B 519 -25.39 -34.58 20.26
CA PHE B 519 -25.15 -33.75 19.09
C PHE B 519 -26.24 -33.95 18.04
N SER B 520 -26.68 -35.19 17.86
CA SER B 520 -27.72 -35.50 16.89
C SER B 520 -28.42 -36.79 17.30
N GLU B 521 -29.73 -36.83 17.08
CA GLU B 521 -30.52 -38.02 17.38
C GLU B 521 -30.41 -39.09 16.29
N ALA B 522 -29.65 -38.83 15.24
CA ALA B 522 -29.48 -39.77 14.15
C ALA B 522 -28.27 -40.67 14.40
N SER B 523 -28.16 -41.72 13.60
CA SER B 523 -27.05 -42.65 13.70
C SER B 523 -26.01 -42.36 12.63
N ASN B 524 -24.87 -43.04 12.73
CA ASN B 524 -23.73 -42.96 11.80
C ASN B 524 -23.44 -41.52 11.39
N THR B 525 -23.12 -40.71 12.39
CA THR B 525 -22.80 -39.30 12.18
C THR B 525 -21.58 -39.14 11.28
N TRP B 526 -21.36 -37.90 10.82
CA TRP B 526 -20.27 -37.63 9.89
C TRP B 526 -18.90 -37.83 10.53
N LEU B 527 -18.80 -37.65 11.85
CA LEU B 527 -17.56 -37.85 12.57
C LEU B 527 -17.88 -38.49 13.91
N PRO B 528 -17.11 -39.51 14.31
CA PRO B 528 -17.38 -40.17 15.60
C PRO B 528 -17.12 -39.23 16.77
N THR B 529 -18.11 -39.15 17.66
CA THR B 529 -17.96 -38.33 18.86
C THR B 529 -16.91 -38.93 19.78
N ASN B 530 -16.17 -38.06 20.47
CA ASN B 530 -15.14 -38.51 21.40
C ASN B 530 -15.71 -39.47 22.43
N SER B 531 -14.89 -40.45 22.83
CA SER B 531 -15.38 -41.53 23.67
C SER B 531 -15.77 -41.06 25.05
N ASP B 532 -14.89 -40.28 25.70
CA ASP B 532 -15.14 -39.81 27.07
C ASP B 532 -16.04 -38.58 27.05
N TYR B 533 -17.28 -38.79 26.60
CA TYR B 533 -18.29 -37.74 26.61
C TYR B 533 -19.27 -37.86 27.76
N HIS B 534 -19.35 -39.04 28.41
CA HIS B 534 -20.23 -39.18 29.57
C HIS B 534 -19.75 -38.36 30.74
N THR B 535 -18.45 -38.04 30.80
CA THR B 535 -17.89 -37.26 31.88
C THR B 535 -17.61 -35.81 31.49
N VAL B 536 -17.54 -35.50 30.20
CA VAL B 536 -17.25 -34.15 29.72
C VAL B 536 -18.40 -33.73 28.81
N ASN B 537 -19.29 -32.90 29.33
CA ASN B 537 -20.36 -32.33 28.53
C ASN B 537 -20.88 -31.09 29.25
N VAL B 538 -21.62 -30.27 28.51
CA VAL B 538 -22.10 -29.00 29.06
C VAL B 538 -23.09 -29.23 30.18
N ASP B 539 -23.89 -30.30 30.11
CA ASP B 539 -24.89 -30.54 31.15
C ASP B 539 -24.25 -31.02 32.45
N VAL B 540 -23.22 -31.86 32.35
CA VAL B 540 -22.57 -32.36 33.56
C VAL B 540 -21.75 -31.25 34.22
N GLN B 541 -21.02 -30.46 33.43
CA GLN B 541 -20.19 -29.41 34.00
C GLN B 541 -21.01 -28.25 34.56
N LYS B 542 -22.28 -28.14 34.18
CA LYS B 542 -23.11 -27.06 34.70
C LYS B 542 -23.66 -27.39 36.08
N THR B 543 -24.00 -28.66 36.33
CA THR B 543 -24.57 -29.04 37.61
C THR B 543 -23.51 -29.20 38.69
N GLN B 544 -22.28 -29.51 38.32
CA GLN B 544 -21.30 -29.70 39.39
C GLN B 544 -20.45 -28.46 39.57
N PRO B 545 -20.09 -28.13 40.81
CA PRO B 545 -19.19 -27.00 41.06
C PRO B 545 -17.73 -27.40 40.84
N ARG B 546 -16.87 -26.38 40.86
CA ARG B 546 -15.42 -26.56 40.69
C ARG B 546 -15.10 -27.24 39.35
N SER B 547 -15.94 -27.03 38.35
CA SER B 547 -15.73 -27.60 37.03
C SER B 547 -15.05 -26.59 36.11
N ALA B 548 -14.59 -27.08 34.96
CA ALA B 548 -13.99 -26.20 33.97
C ALA B 548 -15.03 -25.67 32.98
N LEU B 549 -16.16 -25.22 33.51
CA LEU B 549 -17.15 -24.49 32.75
C LEU B 549 -17.56 -23.20 33.46
N LYS B 550 -17.62 -23.24 34.79
CA LYS B 550 -17.91 -22.02 35.55
C LYS B 550 -16.75 -21.03 35.48
N LEU B 551 -15.52 -21.55 35.39
CA LEU B 551 -14.36 -20.66 35.26
C LEU B 551 -14.42 -19.87 33.96
N TYR B 552 -14.95 -20.49 32.90
CA TYR B 552 -15.12 -19.75 31.65
C TYR B 552 -16.27 -18.75 31.75
N GLN B 553 -17.24 -19.01 32.62
CA GLN B 553 -18.40 -18.12 32.73
C GLN B 553 -18.06 -16.85 33.50
N ASP B 554 -17.45 -16.99 34.68
CA ASP B 554 -17.13 -15.81 35.47
C ASP B 554 -15.91 -15.05 34.94
N LEU B 555 -15.08 -15.69 34.12
CA LEU B 555 -13.99 -14.96 33.48
C LEU B 555 -14.52 -13.98 32.45
N SER B 556 -15.47 -14.43 31.62
CA SER B 556 -16.11 -13.52 30.67
C SER B 556 -16.97 -12.48 31.38
N LEU B 557 -17.55 -12.84 32.53
CA LEU B 557 -18.28 -11.86 33.32
C LEU B 557 -17.35 -10.83 33.93
N LEU B 558 -16.21 -11.28 34.47
CA LEU B 558 -15.23 -10.35 35.01
C LEU B 558 -14.62 -9.49 33.91
N HIS B 559 -14.46 -10.05 32.71
CA HIS B 559 -13.91 -9.27 31.60
C HIS B 559 -14.91 -8.25 31.08
N ALA B 560 -16.21 -8.53 31.22
CA ALA B 560 -17.23 -7.61 30.72
C ALA B 560 -17.65 -6.59 31.77
N ASN B 561 -17.72 -6.98 33.04
CA ASN B 561 -18.16 -6.06 34.08
C ASN B 561 -17.04 -5.10 34.48
N GLU B 562 -15.87 -5.63 34.79
CA GLU B 562 -14.75 -4.79 35.20
C GLU B 562 -14.17 -4.03 34.02
N LEU B 563 -13.80 -2.78 34.24
CA LEU B 563 -13.22 -1.95 33.20
C LEU B 563 -11.72 -2.12 33.07
N LEU B 564 -11.06 -2.69 34.09
CA LEU B 564 -9.62 -2.92 34.00
C LEU B 564 -9.26 -3.94 32.94
N LEU B 565 -10.12 -4.93 32.72
CA LEU B 565 -9.88 -5.94 31.70
C LEU B 565 -10.38 -5.52 30.33
N ASN B 566 -11.38 -4.66 30.26
CA ASN B 566 -11.89 -4.21 28.97
C ASN B 566 -10.90 -3.28 28.27
N ARG B 567 -10.58 -2.15 28.91
CA ARG B 567 -9.65 -1.17 28.35
C ARG B 567 -8.73 -0.71 29.49
N GLY B 568 -7.59 -1.39 29.64
CA GLY B 568 -6.64 -1.07 30.67
C GLY B 568 -5.22 -1.30 30.21
N TRP B 569 -4.28 -0.80 31.00
CA TRP B 569 -2.87 -0.96 30.70
C TRP B 569 -2.44 -2.42 30.90
N PHE B 570 -1.32 -2.77 30.28
CA PHE B 570 -0.77 -4.12 30.35
C PHE B 570 0.72 -4.00 30.65
N CYS B 571 1.10 -4.23 31.90
CA CYS B 571 2.49 -4.11 32.35
C CYS B 571 2.97 -5.49 32.80
N HIS B 572 3.81 -6.12 31.99
CA HIS B 572 4.34 -7.44 32.33
C HIS B 572 5.60 -7.33 33.18
N LEU B 573 5.80 -8.33 34.04
CA LEU B 573 6.96 -8.30 34.97
C LEU B 573 8.09 -9.22 34.49
N ARG B 574 9.14 -8.69 33.85
CA ARG B 574 10.34 -9.45 33.38
C ARG B 574 10.04 -10.83 32.77
N ASN B 575 11.00 -11.76 32.86
CA ASN B 575 10.83 -13.10 32.24
C ASN B 575 11.23 -14.21 33.21
N ASP B 576 10.35 -15.18 33.43
CA ASP B 576 10.70 -16.33 34.24
C ASP B 576 10.40 -17.60 33.47
N SER B 577 11.00 -18.70 33.91
CA SER B 577 10.76 -20.01 33.30
C SER B 577 9.76 -20.85 34.10
N HIS B 578 9.24 -20.33 35.21
CA HIS B 578 8.31 -21.09 36.03
C HIS B 578 7.11 -20.28 36.49
N TYR B 579 6.96 -19.03 36.06
CA TYR B 579 5.78 -18.25 36.34
C TYR B 579 5.75 -17.05 35.41
N VAL B 580 4.53 -16.67 35.00
CA VAL B 580 4.31 -15.50 34.15
C VAL B 580 3.35 -14.58 34.89
N VAL B 581 3.83 -13.38 35.23
CA VAL B 581 3.07 -12.42 36.01
C VAL B 581 2.97 -11.12 35.23
N TYR B 582 1.75 -10.57 35.14
CA TYR B 582 1.52 -9.28 34.53
C TYR B 582 0.42 -8.57 35.30
N THR B 583 0.36 -7.24 35.14
CA THR B 583 -0.55 -6.39 35.89
C THR B 583 -1.43 -5.62 34.92
N ARG B 584 -2.73 -5.62 35.19
CA ARG B 584 -3.71 -4.85 34.42
C ARG B 584 -4.18 -3.67 35.27
N GLU B 585 -4.02 -2.46 34.75
CA GLU B 585 -4.34 -1.26 35.50
C GLU B 585 -4.92 -0.21 34.55
N LEU B 586 -5.47 0.84 35.15
CA LEU B 586 -6.05 1.95 34.40
C LEU B 586 -6.03 3.19 35.28
N ASP B 587 -5.82 4.35 34.66
CA ASP B 587 -5.77 5.61 35.40
C ASP B 587 -7.13 5.94 35.98
N GLY B 588 -7.15 6.31 37.25
CA GLY B 588 -8.37 6.69 37.93
C GLY B 588 -9.14 5.56 38.58
N ILE B 589 -8.71 4.32 38.40
CA ILE B 589 -9.39 3.19 39.02
C ILE B 589 -8.95 3.01 40.47
N ASP B 590 -7.70 3.36 40.80
CA ASP B 590 -7.16 3.20 42.15
C ASP B 590 -7.19 1.74 42.59
N ARG B 591 -7.02 0.84 41.62
CA ARG B 591 -7.09 -0.60 41.88
C ARG B 591 -6.51 -1.32 40.67
N ILE B 592 -5.65 -2.31 40.94
CA ILE B 592 -4.97 -3.05 39.89
C ILE B 592 -5.36 -4.52 39.97
N PHE B 593 -5.09 -5.24 38.88
CA PHE B 593 -5.33 -6.67 38.79
C PHE B 593 -4.01 -7.37 38.53
N ILE B 594 -3.56 -8.19 39.48
CA ILE B 594 -2.31 -8.92 39.37
C ILE B 594 -2.64 -10.35 38.99
N VAL B 595 -2.24 -10.75 37.78
CA VAL B 595 -2.50 -12.08 37.25
C VAL B 595 -1.21 -12.88 37.33
N VAL B 596 -1.28 -14.08 37.91
CA VAL B 596 -0.13 -14.95 38.06
C VAL B 596 -0.46 -16.29 37.44
N LEU B 597 0.35 -16.71 36.47
CA LEU B 597 0.21 -18.01 35.81
C LEU B 597 1.49 -18.80 36.01
N ASN B 598 1.35 -20.07 36.38
CA ASN B 598 2.51 -20.87 36.73
C ASN B 598 3.27 -21.34 35.48
N PHE B 599 2.63 -22.17 34.66
CA PHE B 599 3.26 -22.74 33.46
C PHE B 599 4.59 -23.42 33.78
N GLY B 600 4.75 -23.88 35.03
CA GLY B 600 6.00 -24.48 35.45
C GLY B 600 5.82 -25.85 36.07
N GLU B 601 6.61 -26.16 37.10
CA GLU B 601 6.53 -27.45 37.80
C GLU B 601 6.38 -27.19 39.30
N SER B 602 5.14 -26.92 39.71
CA SER B 602 4.74 -26.77 41.12
C SER B 602 5.79 -26.03 41.94
N THR B 603 6.10 -24.81 41.51
CA THR B 603 7.08 -23.98 42.18
C THR B 603 6.39 -22.93 43.06
N LEU B 604 7.18 -22.32 43.94
CA LEU B 604 6.72 -21.27 44.83
C LEU B 604 7.15 -19.91 44.30
N LEU B 605 6.28 -18.92 44.43
CA LEU B 605 6.52 -17.58 43.94
C LEU B 605 6.61 -16.59 45.09
N ASN B 606 7.58 -15.69 45.00
CA ASN B 606 7.76 -14.61 45.98
C ASN B 606 7.36 -13.31 45.29
N LEU B 607 6.14 -12.84 45.59
CA LEU B 607 5.63 -11.63 44.97
C LEU B 607 6.33 -10.36 45.46
N HIS B 608 7.08 -10.43 46.56
CA HIS B 608 7.82 -9.27 47.03
C HIS B 608 9.05 -8.97 46.20
N ASN B 609 9.46 -9.88 45.32
CA ASN B 609 10.62 -9.66 44.46
C ASN B 609 10.25 -9.05 43.12
N MET B 610 8.97 -9.05 42.76
CA MET B 610 8.53 -8.59 41.45
C MET B 610 7.85 -7.24 41.51
N ILE B 611 6.82 -7.09 42.33
CA ILE B 611 6.09 -5.84 42.50
C ILE B 611 6.33 -5.31 43.89
N SER B 612 6.54 -4.00 43.99
CA SER B 612 6.79 -3.32 45.25
C SER B 612 5.53 -2.61 45.74
N GLY B 613 5.32 -2.64 47.05
CA GLY B 613 4.18 -1.98 47.65
C GLY B 613 2.98 -2.85 47.95
N LEU B 614 3.14 -4.18 47.94
CA LEU B 614 2.04 -5.09 48.21
C LEU B 614 1.89 -5.31 49.72
N PRO B 615 0.67 -5.44 50.21
CA PRO B 615 0.48 -5.58 51.66
C PRO B 615 0.84 -6.96 52.17
N ALA B 616 0.60 -7.21 53.45
CA ALA B 616 0.96 -8.50 54.04
C ALA B 616 0.07 -9.62 53.52
N LYS B 617 -1.20 -9.32 53.22
CA LYS B 617 -2.14 -10.31 52.75
C LYS B 617 -2.87 -9.79 51.51
N MET B 618 -3.16 -10.70 50.59
CA MET B 618 -3.86 -10.38 49.35
C MET B 618 -4.93 -11.43 49.10
N ARG B 619 -6.02 -11.00 48.46
CA ARG B 619 -7.15 -11.89 48.18
C ARG B 619 -7.13 -12.35 46.73
N ILE B 620 -7.63 -13.57 46.51
CA ILE B 620 -7.69 -14.12 45.13
C ILE B 620 -9.10 -13.88 44.58
N ARG B 621 -9.23 -12.90 43.68
CA ARG B 621 -10.55 -12.57 43.09
C ARG B 621 -11.06 -13.80 42.31
N LEU B 622 -10.21 -14.36 41.43
CA LEU B 622 -10.63 -15.53 40.60
C LEU B 622 -9.46 -16.52 40.53
N SER B 623 -9.70 -17.77 40.94
CA SER B 623 -8.64 -18.81 40.92
C SER B 623 -9.00 -19.90 39.92
N THR B 624 -7.99 -20.55 39.31
CA THR B 624 -8.25 -21.68 38.39
C THR B 624 -9.10 -22.71 39.13
N ASN B 625 -8.59 -23.24 40.25
CA ASN B 625 -9.42 -24.15 41.08
C ASN B 625 -10.42 -23.27 41.83
N SER B 626 -11.72 -23.40 41.52
CA SER B 626 -12.74 -22.51 42.13
C SER B 626 -12.92 -22.82 43.62
N ALA B 627 -11.92 -22.53 44.44
CA ALA B 627 -11.98 -22.81 45.89
C ALA B 627 -11.22 -21.72 46.65
N ASP B 628 -10.20 -21.13 46.02
CA ASP B 628 -9.42 -20.05 46.67
C ASP B 628 -10.07 -18.69 46.38
N LYS B 629 -11.23 -18.70 45.70
CA LYS B 629 -11.96 -17.44 45.39
C LYS B 629 -12.31 -16.72 46.70
N GLY B 630 -11.39 -15.89 47.20
CA GLY B 630 -11.63 -15.13 48.43
C GLY B 630 -10.83 -15.61 49.61
N SER B 631 -9.68 -16.24 49.38
CA SER B 631 -8.83 -16.74 50.45
C SER B 631 -7.78 -15.69 50.80
N LYS B 632 -6.83 -16.07 51.66
CA LYS B 632 -5.77 -15.17 52.11
C LYS B 632 -4.42 -15.81 51.84
N VAL B 633 -3.56 -15.10 51.13
CA VAL B 633 -2.21 -15.57 50.82
C VAL B 633 -1.25 -14.40 50.99
N ASP B 634 -0.15 -14.63 51.68
CA ASP B 634 0.89 -13.62 51.80
C ASP B 634 1.71 -13.55 50.51
N THR B 635 2.35 -12.40 50.29
CA THR B 635 3.12 -12.20 49.07
C THR B 635 4.38 -13.07 49.06
N SER B 636 5.16 -12.99 50.14
CA SER B 636 6.42 -13.74 50.23
C SER B 636 6.09 -15.20 50.53
N GLY B 637 5.91 -15.96 49.45
CA GLY B 637 5.61 -17.38 49.56
C GLY B 637 4.18 -17.72 49.18
N ILE B 638 4.01 -18.23 47.96
CA ILE B 638 2.70 -18.61 47.44
C ILE B 638 2.82 -20.02 46.87
N PHE B 639 1.97 -20.93 47.35
CA PHE B 639 1.98 -22.31 46.87
C PHE B 639 1.16 -22.41 45.59
N LEU B 640 1.82 -22.76 44.49
CA LEU B 640 1.18 -22.91 43.20
C LEU B 640 1.45 -24.30 42.65
N ASP B 641 0.43 -24.94 42.10
CA ASP B 641 0.57 -26.26 41.51
C ASP B 641 0.98 -26.10 40.04
N LYS B 642 1.02 -27.21 39.30
CA LYS B 642 1.38 -27.14 37.89
C LYS B 642 0.38 -26.32 37.10
N GLY B 643 -0.87 -26.77 37.04
CA GLY B 643 -1.91 -26.02 36.38
C GLY B 643 -2.66 -25.10 37.32
N GLU B 644 -1.97 -24.07 37.82
CA GLU B 644 -2.54 -23.17 38.81
C GLU B 644 -2.37 -21.72 38.36
N GLY B 645 -3.43 -20.94 38.51
CA GLY B 645 -3.40 -19.53 38.18
C GLY B 645 -4.23 -18.70 39.13
N LEU B 646 -3.77 -17.49 39.45
CA LEU B 646 -4.45 -16.63 40.41
C LEU B 646 -4.62 -15.23 39.83
N ILE B 647 -5.64 -14.53 40.35
CA ILE B 647 -5.86 -13.12 40.05
C ILE B 647 -5.94 -12.39 41.38
N PHE B 648 -5.03 -11.44 41.58
CA PHE B 648 -4.97 -10.66 42.80
C PHE B 648 -5.51 -9.25 42.56
N GLU B 649 -6.32 -8.77 43.50
CA GLU B 649 -6.95 -7.46 43.40
C GLU B 649 -6.43 -6.60 44.55
N HIS B 650 -5.56 -5.63 44.21
CA HIS B 650 -4.93 -4.76 45.19
C HIS B 650 -5.40 -3.33 44.99
N ASN B 651 -5.58 -2.61 46.09
CA ASN B 651 -6.04 -1.22 46.05
C ASN B 651 -4.84 -0.30 46.30
N THR B 652 -4.47 0.48 45.30
CA THR B 652 -3.35 1.40 45.41
C THR B 652 -3.41 2.40 44.27
N LYS B 653 -2.66 3.48 44.42
CA LYS B 653 -2.54 4.52 43.40
C LYS B 653 -1.07 4.58 42.98
N ASN B 654 -0.46 3.40 42.86
CA ASN B 654 0.95 3.27 42.50
C ASN B 654 1.09 2.43 41.25
N LEU B 655 0.31 2.79 40.22
CA LEU B 655 0.29 2.04 38.97
C LEU B 655 1.68 1.90 38.39
N LEU B 656 1.98 0.70 37.88
CA LEU B 656 3.31 0.43 37.34
C LEU B 656 3.57 1.21 36.06
N HIS B 657 2.52 1.51 35.29
CA HIS B 657 2.70 2.23 34.04
C HIS B 657 3.15 3.67 34.22
N ARG B 658 3.09 4.20 35.45
CA ARG B 658 3.55 5.55 35.72
C ARG B 658 5.00 5.63 36.13
N GLN B 659 5.58 4.53 36.60
CA GLN B 659 6.97 4.52 37.05
C GLN B 659 7.92 4.54 35.86
N THR B 660 9.11 5.10 36.10
CA THR B 660 10.09 5.18 35.02
C THR B 660 10.67 3.82 34.64
N ALA B 661 10.66 2.86 35.55
CA ALA B 661 11.20 1.53 35.23
C ALA B 661 10.27 0.78 34.29
N PHE B 662 8.97 0.81 34.55
CA PHE B 662 7.99 0.10 33.73
C PHE B 662 7.40 1.04 32.67
N ARG B 663 8.26 1.46 31.75
CA ARG B 663 7.85 2.30 30.63
C ARG B 663 7.98 1.59 29.29
N ASP B 664 8.94 0.67 29.16
CA ASP B 664 9.13 -0.09 27.94
C ASP B 664 8.42 -1.44 27.97
N ARG B 665 7.69 -1.74 29.03
CA ARG B 665 6.98 -3.01 29.18
C ARG B 665 5.52 -2.79 29.55
N CYS B 666 4.96 -1.64 29.13
CA CYS B 666 3.57 -1.30 29.39
C CYS B 666 2.94 -0.83 28.08
N PHE B 667 1.83 -1.47 27.70
CA PHE B 667 1.15 -1.16 26.45
C PHE B 667 -0.33 -0.93 26.71
N VAL B 668 -0.92 -0.04 25.91
CA VAL B 668 -2.34 0.26 26.00
C VAL B 668 -2.84 0.66 24.61
N SER B 669 -4.09 0.34 24.33
CA SER B 669 -4.70 0.66 23.04
C SER B 669 -5.40 2.01 23.07
N ASN B 670 -6.37 2.16 23.99
CA ASN B 670 -7.13 3.40 24.14
C ASN B 670 -6.77 3.98 25.51
N ARG B 671 -5.82 4.92 25.52
CA ARG B 671 -5.42 5.57 26.76
C ARG B 671 -6.54 6.47 27.26
N ALA B 672 -7.02 6.18 28.46
CA ALA B 672 -8.11 6.94 29.06
C ALA B 672 -7.93 6.98 30.57
N CYS B 673 -8.65 7.91 31.21
CA CYS B 673 -8.65 8.06 32.65
C CYS B 673 -10.06 7.89 33.20
N TYR B 674 -10.18 7.15 34.29
CA TYR B 674 -11.44 6.93 34.97
C TYR B 674 -11.62 7.95 36.09
N SER B 675 -12.89 8.26 36.38
CA SER B 675 -13.25 9.18 37.46
C SER B 675 -14.29 8.51 38.33
N SER B 676 -14.00 8.41 39.63
CA SER B 676 -14.94 7.77 40.54
C SER B 676 -16.09 8.70 40.90
N VAL B 677 -15.81 9.99 41.10
CA VAL B 677 -16.84 10.97 41.48
C VAL B 677 -17.84 11.09 40.35
N LEU B 678 -17.39 11.46 39.16
CA LEU B 678 -18.22 11.50 37.96
C LEU B 678 -17.96 10.24 37.13
N ASN B 679 -18.94 9.33 37.14
CA ASN B 679 -18.77 8.04 36.50
C ASN B 679 -18.82 8.19 34.99
N ILE B 680 -17.70 8.62 34.40
CA ILE B 680 -17.57 8.83 32.96
C ILE B 680 -16.14 8.54 32.56
N LEU B 681 -15.91 8.36 31.26
CA LEU B 681 -14.59 8.10 30.71
C LEU B 681 -13.95 9.40 30.27
N TYR B 682 -12.70 9.61 30.65
CA TYR B 682 -11.96 10.82 30.31
C TYR B 682 -10.74 10.48 29.46
N THR B 683 -10.43 11.37 28.51
CA THR B 683 -9.19 11.25 27.74
C THR B 683 -8.04 11.96 28.44
N SER B 684 -8.22 13.24 28.74
CA SER B 684 -7.27 14.01 29.52
C SER B 684 -7.62 13.92 31.00
N CYS B 685 -6.58 13.83 31.82
CA CYS B 685 -6.77 13.63 33.26
C CYS B 685 -5.67 14.33 34.06
#